data_8RL5
#
_entry.id   8RL5
#
_cell.length_a   1.00
_cell.length_b   1.00
_cell.length_c   1.00
_cell.angle_alpha   90.00
_cell.angle_beta   90.00
_cell.angle_gamma   90.00
#
_symmetry.space_group_name_H-M   'P 1'
#
loop_
_entity.id
_entity.type
_entity.pdbx_description
1 polymer 'Gluebody G5-006'
2 polymer 'ATP-dependent DNA helicase Q5'
3 non-polymer 'ZINC ION'
#
loop_
_entity_poly.entity_id
_entity_poly.type
_entity_poly.pdbx_seq_one_letter_code
_entity_poly.pdbx_strand_id
1 'polypeptide(L)'
;SMAQVQLVENGGGCVKAGGSLRLSCAASGSIFSINRMTWYRQAPGKEREWVAAITSGGSTNYADSVKGRFTISRDNAENT
VYLQMNSLKPEDTAVYYCEAYGTYTLAPTGEGEYDDYWGQGTQVMVS
;
K,L
2 'polypeptide(L)'
;PERRVRSTLKKVFGFDSFKTPLQESATMAVVKGNKDVFVCMPTGAGKSLCYQLPALLAKGITIVVSPLIALIQDQVDHLL
TLKVRVSSLNSKLSAQERKELLADLEREKPQTKILYITPEMAASSSFQPTLNSLVSRHLLSYLVVDEAHCVSQWGHDFRP
DYLRLGALRSRLGHAPCVALTATATPQVQEDVFAALHLKKPVAIFKTPCFRANLFYDVQFKELISDPYGNLKDFCLKALG
QEADKGLSGCGIVYCRTREACEQLAIELSCRGVNAKAYHAGLKASERTLVQNDWMEEKVPVIVATISFGMGVDKANVRFV
AHWNIAKSMAGYYQESGRAGRDGKPSWCRLYYSRNDRDQVSFLIRKEVAKLQEKRGNKASDKATIMAFDALVTFCEELGC
RHAAIAKYFGDALPACAKGCDHCQNPTAVRRRLEALERSSSW
;
A,B
#
loop_
_chem_comp.id
_chem_comp.type
_chem_comp.name
_chem_comp.formula
ZN non-polymer 'ZINC ION' 'Zn 2'
#
# COMPACT_ATOMS: atom_id res chain seq x y z
N GLN A 4 6.46 -13.95 10.20
CA GLN A 4 7.39 -13.04 9.55
C GLN A 4 8.79 -13.64 9.47
N VAL A 5 9.54 -13.26 8.44
CA VAL A 5 10.89 -13.75 8.24
C VAL A 5 11.79 -12.57 7.88
N GLN A 6 13.01 -12.58 8.41
CA GLN A 6 14.00 -11.55 8.13
C GLN A 6 15.27 -12.20 7.59
N LEU A 7 15.86 -11.56 6.59
CA LEU A 7 17.05 -12.05 5.92
C LEU A 7 18.21 -11.10 6.17
N VAL A 8 19.42 -11.68 6.27
CA VAL A 8 20.62 -10.91 6.56
C VAL A 8 21.78 -11.50 5.77
N GLU A 9 22.67 -10.63 5.34
CA GLU A 9 23.89 -11.04 4.64
C GLU A 9 25.06 -11.08 5.60
N ASN A 10 25.99 -12.01 5.34
CA ASN A 10 27.19 -12.13 6.15
C ASN A 10 28.38 -12.41 5.24
N GLY A 11 29.50 -11.75 5.54
CA GLY A 11 30.74 -12.01 4.83
C GLY A 11 30.92 -11.18 3.57
N GLY A 12 30.70 -9.87 3.67
CA GLY A 12 30.86 -8.97 2.55
C GLY A 12 32.06 -8.06 2.74
N GLY A 13 32.94 -8.04 1.73
CA GLY A 13 34.13 -7.21 1.77
C GLY A 13 34.83 -7.13 0.44
N CYS A 14 35.55 -6.03 0.20
CA CYS A 14 36.28 -5.86 -1.05
C CYS A 14 37.63 -6.57 -0.96
N VAL A 15 37.97 -7.32 -2.00
CA VAL A 15 39.22 -8.06 -2.07
C VAL A 15 39.86 -7.84 -3.44
N LYS A 16 41.16 -8.13 -3.51
CA LYS A 16 41.90 -7.96 -4.75
C LYS A 16 41.46 -8.99 -5.78
N ALA A 17 41.91 -8.78 -7.02
CA ALA A 17 41.57 -9.69 -8.10
C ALA A 17 42.08 -11.09 -7.80
N GLY A 18 41.27 -12.09 -8.12
CA GLY A 18 41.61 -13.48 -7.85
C GLY A 18 41.38 -13.92 -6.42
N GLY A 19 40.81 -13.07 -5.58
CA GLY A 19 40.56 -13.43 -4.19
C GLY A 19 39.37 -14.37 -4.06
N SER A 20 38.85 -14.50 -2.85
CA SER A 20 37.73 -15.40 -2.60
C SER A 20 37.14 -15.09 -1.24
N LEU A 21 35.84 -15.35 -1.12
CA LEU A 21 35.10 -15.20 0.13
C LEU A 21 33.74 -15.85 -0.06
N ARG A 22 32.86 -15.69 0.93
CA ARG A 22 31.55 -16.32 0.92
C ARG A 22 30.51 -15.32 1.41
N LEU A 23 29.38 -15.25 0.72
CA LEU A 23 28.25 -14.43 1.12
C LEU A 23 27.15 -15.36 1.62
N SER A 24 26.85 -15.28 2.92
CA SER A 24 25.90 -16.18 3.55
C SER A 24 24.58 -15.46 3.82
N CYS A 25 23.48 -16.16 3.59
CA CYS A 25 22.13 -15.65 3.80
C CYS A 25 21.34 -16.66 4.61
N ALA A 26 20.67 -16.17 5.66
CA ALA A 26 19.85 -17.02 6.51
C ALA A 26 18.44 -16.46 6.63
N ALA A 27 17.63 -17.06 7.51
CA ALA A 27 16.26 -16.63 7.74
C ALA A 27 16.01 -16.48 9.23
N SER A 28 14.95 -15.74 9.56
CA SER A 28 14.58 -15.48 10.94
C SER A 28 13.16 -15.96 11.20
N GLY A 29 12.95 -16.59 12.34
CA GLY A 29 11.65 -17.10 12.70
C GLY A 29 11.49 -18.58 12.41
N SER A 30 10.23 -18.99 12.26
CA SER A 30 9.87 -20.38 11.99
C SER A 30 9.49 -20.49 10.52
N ILE A 31 10.35 -21.15 9.74
CA ILE A 31 10.13 -21.37 8.32
C ILE A 31 10.18 -22.87 8.06
N PHE A 32 9.20 -23.36 7.30
CA PHE A 32 9.17 -24.79 6.99
C PHE A 32 10.17 -25.15 5.89
N SER A 33 10.05 -24.49 4.74
CA SER A 33 10.95 -24.74 3.62
C SER A 33 10.76 -23.65 2.58
N ILE A 34 11.86 -23.17 2.03
CA ILE A 34 11.83 -22.18 0.96
C ILE A 34 11.77 -22.90 -0.37
N ASN A 35 10.92 -22.42 -1.27
CA ASN A 35 10.84 -23.03 -2.60
C ASN A 35 12.19 -22.98 -3.30
N ARG A 36 12.84 -21.82 -3.26
CA ARG A 36 14.19 -21.68 -3.81
C ARG A 36 14.73 -20.32 -3.40
N MET A 37 16.03 -20.28 -3.10
CA MET A 37 16.72 -19.04 -2.76
C MET A 37 17.38 -18.51 -4.03
N THR A 38 17.03 -17.29 -4.41
CA THR A 38 17.49 -16.68 -5.65
C THR A 38 18.19 -15.37 -5.32
N TRP A 39 19.53 -15.37 -5.43
CA TRP A 39 20.28 -14.14 -5.31
C TRP A 39 19.96 -13.21 -6.48
N TYR A 40 20.15 -11.92 -6.25
CA TYR A 40 19.99 -10.92 -7.31
C TYR A 40 21.09 -9.89 -7.20
N ARG A 41 21.70 -9.54 -8.33
CA ARG A 41 22.77 -8.55 -8.38
C ARG A 41 22.21 -7.25 -8.95
N GLN A 42 22.33 -6.17 -8.18
CA GLN A 42 21.86 -4.86 -8.63
C GLN A 42 22.75 -3.79 -8.02
N ALA A 43 23.22 -2.86 -8.85
CA ALA A 43 24.15 -1.83 -8.41
C ALA A 43 23.60 -0.45 -8.76
N PRO A 44 24.10 0.61 -8.13
CA PRO A 44 23.65 1.96 -8.48
C PRO A 44 23.84 2.22 -9.97
N GLY A 45 22.74 2.54 -10.65
CA GLY A 45 22.78 2.76 -12.08
C GLY A 45 22.78 1.49 -12.90
N LYS A 46 22.66 0.33 -12.28
CA LYS A 46 22.64 -0.95 -12.97
C LYS A 46 21.33 -1.66 -12.68
N GLU A 47 20.69 -2.17 -13.73
CA GLU A 47 19.42 -2.88 -13.58
C GLU A 47 19.64 -4.23 -12.91
N ARG A 48 18.63 -4.66 -12.15
CA ARG A 48 18.71 -5.96 -11.50
C ARG A 48 18.84 -7.07 -12.54
N GLU A 49 19.62 -8.08 -12.20
CA GLU A 49 19.87 -9.20 -13.12
C GLU A 49 19.76 -10.50 -12.35
N TRP A 50 19.11 -11.49 -12.96
CA TRP A 50 19.02 -12.82 -12.37
C TRP A 50 20.40 -13.45 -12.35
N VAL A 51 21.00 -13.55 -11.17
CA VAL A 51 22.40 -13.97 -11.06
C VAL A 51 22.53 -15.47 -10.83
N ALA A 52 21.67 -16.04 -9.98
CA ALA A 52 21.72 -17.48 -9.70
C ALA A 52 20.51 -17.81 -8.84
N ALA A 53 20.32 -19.11 -8.60
CA ALA A 53 19.20 -19.57 -7.79
C ALA A 53 19.44 -21.01 -7.37
N ILE A 54 18.97 -21.34 -6.17
CA ILE A 54 19.09 -22.67 -5.60
C ILE A 54 17.74 -23.07 -5.03
N THR A 55 17.29 -24.27 -5.36
CA THR A 55 16.00 -24.80 -4.92
C THR A 55 16.22 -26.06 -4.10
N SER A 56 15.16 -26.47 -3.41
CA SER A 56 15.23 -27.68 -2.60
C SER A 56 15.52 -28.89 -3.47
N GLY A 57 16.27 -29.84 -2.91
CA GLY A 57 16.67 -31.03 -3.62
C GLY A 57 18.05 -30.98 -4.23
N GLY A 58 18.69 -29.82 -4.24
CA GLY A 58 20.04 -29.67 -4.76
C GLY A 58 20.13 -29.10 -6.15
N SER A 59 19.00 -28.97 -6.86
CA SER A 59 19.03 -28.42 -8.20
C SER A 59 19.46 -26.96 -8.17
N THR A 60 20.37 -26.58 -9.05
CA THR A 60 20.94 -25.25 -9.09
C THR A 60 20.77 -24.66 -10.49
N ASN A 61 20.52 -23.36 -10.55
CA ASN A 61 20.47 -22.62 -11.80
C ASN A 61 21.35 -21.38 -11.69
N TYR A 62 21.92 -20.98 -12.80
CA TYR A 62 22.87 -19.87 -12.81
C TYR A 62 23.15 -19.47 -14.25
N ALA A 63 24.07 -18.52 -14.42
CA ALA A 63 24.53 -18.07 -15.73
C ALA A 63 25.96 -18.54 -15.94
N ASP A 64 26.30 -18.75 -17.22
CA ASP A 64 27.64 -19.27 -17.54
C ASP A 64 28.72 -18.32 -17.06
N SER A 65 28.57 -17.03 -17.34
CA SER A 65 29.56 -16.05 -16.87
C SER A 65 29.62 -16.03 -15.35
N VAL A 66 28.45 -16.00 -14.70
CA VAL A 66 28.42 -16.03 -13.24
C VAL A 66 28.94 -17.37 -12.72
N LYS A 67 28.64 -18.46 -13.43
CA LYS A 67 29.17 -19.75 -13.03
C LYS A 67 30.69 -19.72 -12.99
N GLY A 68 31.31 -19.25 -14.07
CA GLY A 68 32.75 -19.07 -14.06
C GLY A 68 33.19 -18.11 -12.97
N ARG A 69 32.33 -17.17 -12.59
CA ARG A 69 32.64 -16.23 -11.52
C ARG A 69 32.34 -16.84 -10.15
N PHE A 70 31.08 -17.15 -9.89
CA PHE A 70 30.60 -17.55 -8.57
C PHE A 70 29.88 -18.89 -8.65
N THR A 71 29.32 -19.31 -7.51
CA THR A 71 28.54 -20.53 -7.42
C THR A 71 27.69 -20.50 -6.16
N ILE A 72 26.43 -20.90 -6.28
CA ILE A 72 25.48 -20.84 -5.18
C ILE A 72 25.21 -22.24 -4.66
N SER A 73 24.91 -22.35 -3.37
CA SER A 73 24.56 -23.63 -2.77
C SER A 73 23.85 -23.38 -1.46
N ARG A 74 22.73 -24.07 -1.25
CA ARG A 74 21.88 -23.83 -0.08
C ARG A 74 21.49 -25.14 0.58
N ASP A 75 21.09 -25.01 1.85
CA ASP A 75 20.59 -26.13 2.64
C ASP A 75 19.25 -25.75 3.22
N ASN A 76 18.24 -26.60 2.97
CA ASN A 76 16.89 -26.33 3.45
C ASN A 76 16.77 -26.56 4.95
N ALA A 77 17.37 -27.64 5.45
CA ALA A 77 17.32 -27.90 6.90
C ALA A 77 17.90 -26.73 7.67
N GLU A 78 19.08 -26.26 7.26
CA GLU A 78 19.62 -25.04 7.84
C GLU A 78 18.89 -23.80 7.34
N ASN A 79 18.21 -23.90 6.20
CA ASN A 79 17.51 -22.77 5.60
C ASN A 79 18.48 -21.62 5.34
N THR A 80 19.65 -21.96 4.81
CA THR A 80 20.70 -20.98 4.57
C THR A 80 21.32 -21.22 3.20
N VAL A 81 21.57 -20.13 2.47
CA VAL A 81 22.15 -20.19 1.14
C VAL A 81 23.46 -19.41 1.14
N TYR A 82 24.51 -20.04 0.63
CA TYR A 82 25.83 -19.46 0.56
C TYR A 82 26.24 -19.30 -0.90
N LEU A 83 26.72 -18.12 -1.24
CA LEU A 83 27.29 -17.81 -2.56
C LEU A 83 28.80 -17.73 -2.37
N GLN A 84 29.52 -18.68 -2.94
CA GLN A 84 30.96 -18.79 -2.74
C GLN A 84 31.68 -17.92 -3.78
N MET A 85 32.43 -16.94 -3.30
CA MET A 85 33.20 -16.06 -4.17
C MET A 85 34.58 -16.67 -4.40
N ASN A 86 34.89 -16.97 -5.66
CA ASN A 86 36.20 -17.46 -6.04
C ASN A 86 36.61 -16.82 -7.37
N SER A 87 37.90 -16.53 -7.51
CA SER A 87 38.41 -15.85 -8.69
C SER A 87 37.61 -14.59 -8.98
N LEU A 88 37.44 -13.77 -7.94
CA LEU A 88 36.62 -12.57 -8.05
C LEU A 88 37.24 -11.59 -9.05
N LYS A 89 36.36 -10.82 -9.69
CA LYS A 89 36.76 -9.85 -10.70
C LYS A 89 36.02 -8.55 -10.44
N PRO A 90 36.58 -7.42 -10.89
CA PRO A 90 35.95 -6.12 -10.61
C PRO A 90 34.64 -5.88 -11.36
N GLU A 91 34.25 -6.77 -12.26
CA GLU A 91 32.98 -6.57 -12.97
C GLU A 91 31.79 -6.88 -12.08
N ASP A 92 31.89 -7.91 -11.24
CA ASP A 92 30.82 -8.29 -10.33
C ASP A 92 30.92 -7.43 -9.07
N THR A 93 30.44 -6.19 -9.20
CA THR A 93 30.50 -5.21 -8.11
C THR A 93 29.11 -4.78 -7.64
N ALA A 94 28.08 -5.55 -7.98
CA ALA A 94 26.72 -5.17 -7.68
C ALA A 94 26.31 -5.66 -6.28
N VAL A 95 25.42 -4.89 -5.66
CA VAL A 95 24.87 -5.31 -4.36
C VAL A 95 24.07 -6.58 -4.55
N TYR A 96 24.27 -7.54 -3.66
CA TYR A 96 23.66 -8.86 -3.75
C TYR A 96 22.52 -8.94 -2.74
N TYR A 97 21.29 -8.99 -3.24
CA TYR A 97 20.11 -9.14 -2.42
C TYR A 97 19.65 -10.59 -2.42
N CYS A 98 19.15 -11.03 -1.28
CA CYS A 98 18.78 -12.43 -1.05
C CYS A 98 17.26 -12.53 -1.07
N GLU A 99 16.73 -13.32 -2.02
CA GLU A 99 15.29 -13.34 -2.25
C GLU A 99 14.58 -14.32 -1.32
N ALA A 100 14.99 -15.59 -1.34
CA ALA A 100 14.27 -16.66 -0.65
C ALA A 100 12.87 -16.82 -1.25
N TYR A 101 12.85 -17.04 -2.56
CA TYR A 101 11.60 -17.17 -3.29
C TYR A 101 10.77 -18.31 -2.73
N GLY A 102 9.49 -18.03 -2.46
CA GLY A 102 8.59 -19.05 -1.97
C GLY A 102 8.82 -19.42 -0.52
N THR A 103 8.67 -18.45 0.38
CA THR A 103 8.78 -18.71 1.81
C THR A 103 7.46 -19.25 2.36
N TYR A 104 7.54 -20.17 3.30
CA TYR A 104 6.37 -20.83 3.87
C TYR A 104 6.53 -20.83 5.39
N THR A 105 5.60 -20.17 6.07
CA THR A 105 5.67 -19.98 7.51
C THR A 105 4.54 -20.73 8.21
N LEU A 106 4.81 -21.16 9.44
CA LEU A 106 3.86 -21.93 10.22
C LEU A 106 3.85 -21.44 11.67
N ALA A 107 2.71 -21.61 12.32
CA ALA A 107 2.54 -21.26 13.71
C ALA A 107 1.53 -22.23 14.31
N PRO A 108 1.54 -22.43 15.64
CA PRO A 108 0.54 -23.32 16.23
C PRO A 108 -0.89 -22.86 15.96
N THR A 109 -1.11 -21.54 15.83
CA THR A 109 -2.44 -21.05 15.51
C THR A 109 -2.87 -21.40 14.10
N GLY A 110 -1.93 -21.78 13.24
CA GLY A 110 -2.22 -22.13 11.86
C GLY A 110 -1.99 -21.01 10.87
N GLU A 111 -1.92 -19.76 11.34
CA GLU A 111 -1.67 -18.64 10.45
C GLU A 111 -0.28 -18.74 9.84
N GLY A 112 -0.17 -18.44 8.56
CA GLY A 112 1.09 -18.50 7.86
C GLY A 112 1.29 -17.35 6.90
N GLU A 113 2.39 -17.38 6.16
CA GLU A 113 2.70 -16.32 5.20
C GLU A 113 3.49 -16.92 4.04
N TYR A 114 2.94 -16.81 2.83
CA TYR A 114 3.59 -17.33 1.64
C TYR A 114 4.44 -16.28 0.92
N ASP A 115 4.45 -15.04 1.39
CA ASP A 115 5.22 -13.99 0.74
C ASP A 115 6.71 -14.22 0.91
N ASP A 116 7.48 -13.77 -0.07
CA ASP A 116 8.93 -13.83 -0.01
C ASP A 116 9.48 -12.62 0.73
N TYR A 117 10.61 -12.81 1.40
CA TYR A 117 11.25 -11.77 2.20
C TYR A 117 12.64 -11.52 1.65
N TRP A 118 12.92 -10.27 1.30
CA TRP A 118 14.19 -9.90 0.71
C TRP A 118 15.13 -9.33 1.77
N GLY A 119 16.41 -9.72 1.69
CA GLY A 119 17.40 -9.28 2.65
C GLY A 119 18.00 -7.93 2.28
N GLN A 120 18.84 -7.43 3.20
CA GLN A 120 19.49 -6.15 2.98
C GLN A 120 20.54 -6.23 1.88
N GLY A 121 21.38 -7.27 1.92
CA GLY A 121 22.39 -7.46 0.91
C GLY A 121 23.70 -6.75 1.23
N THR A 122 24.66 -6.92 0.33
CA THR A 122 25.98 -6.31 0.47
C THR A 122 26.70 -6.36 -0.86
N GLN A 123 27.53 -5.34 -1.11
CA GLN A 123 28.26 -5.22 -2.35
C GLN A 123 29.69 -5.73 -2.18
N VAL A 124 30.51 -5.53 -3.20
CA VAL A 124 31.92 -5.93 -3.17
C VAL A 124 32.63 -5.21 -4.29
N MET A 125 33.89 -4.87 -4.05
CA MET A 125 34.73 -4.21 -5.04
C MET A 125 36.09 -4.87 -5.11
N VAL A 126 36.77 -4.66 -6.23
CA VAL A 126 38.08 -5.25 -6.48
C VAL A 126 39.00 -4.16 -7.03
N SER A 127 40.31 -4.35 -6.82
CA SER A 127 41.30 -3.41 -7.30
C SER A 127 41.27 -3.32 -8.82
N VAL B 5 10.76 11.06 -9.34
CA VAL B 5 12.12 11.53 -9.09
C VAL B 5 12.82 10.56 -8.15
N GLN B 6 13.99 10.06 -8.59
CA GLN B 6 14.77 9.11 -7.82
C GLN B 6 16.16 9.68 -7.57
N LEU B 7 16.80 9.17 -6.52
CA LEU B 7 18.14 9.59 -6.13
C LEU B 7 19.16 8.54 -6.56
N VAL B 8 20.32 9.01 -7.03
CA VAL B 8 21.38 8.16 -7.55
C VAL B 8 22.66 8.46 -6.78
N GLU B 9 23.37 7.40 -6.40
CA GLU B 9 24.63 7.51 -5.67
C GLU B 9 25.81 7.28 -6.61
N ASN B 10 26.92 7.97 -6.33
CA ASN B 10 28.13 7.82 -7.11
C ASN B 10 29.34 8.01 -6.20
N GLY B 11 30.44 7.36 -6.57
CA GLY B 11 31.68 7.52 -5.84
C GLY B 11 31.79 6.60 -4.63
N GLY B 12 31.31 5.36 -4.77
CA GLY B 12 31.36 4.39 -3.70
C GLY B 12 32.51 3.42 -3.88
N GLY B 13 33.35 3.32 -2.85
CA GLY B 13 34.49 2.43 -2.89
C GLY B 13 35.14 2.28 -1.53
N CYS B 14 35.82 1.16 -1.30
CA CYS B 14 36.50 0.93 -0.04
C CYS B 14 37.92 1.50 -0.10
N VAL B 15 38.26 2.32 0.90
CA VAL B 15 39.56 2.96 0.97
C VAL B 15 40.23 2.58 2.28
N LYS B 16 41.55 2.49 2.25
CA LYS B 16 42.31 2.12 3.43
C LYS B 16 42.16 3.20 4.51
N ALA B 17 42.69 2.89 5.69
CA ALA B 17 42.57 3.81 6.82
C ALA B 17 43.30 5.12 6.52
N GLY B 18 42.72 6.22 7.01
CA GLY B 18 43.31 7.53 6.80
C GLY B 18 43.15 8.09 5.41
N GLY B 19 42.31 7.48 4.58
CA GLY B 19 42.11 7.90 3.20
C GLY B 19 40.76 8.57 3.03
N SER B 20 40.78 9.78 2.49
CA SER B 20 39.55 10.51 2.23
C SER B 20 38.82 9.90 1.04
N LEU B 21 37.53 10.23 0.92
CA LEU B 21 36.76 9.69 -0.19
C LEU B 21 35.48 10.51 -0.35
N ARG B 22 34.98 10.57 -1.58
CA ARG B 22 33.87 11.45 -1.94
C ARG B 22 32.69 10.62 -2.44
N LEU B 23 31.50 10.92 -1.91
CA LEU B 23 30.25 10.38 -2.38
C LEU B 23 29.37 11.50 -2.90
N SER B 24 28.52 11.18 -3.87
CA SER B 24 27.62 12.17 -4.46
C SER B 24 26.23 11.57 -4.59
N CYS B 25 25.22 12.33 -4.15
CA CYS B 25 23.82 11.93 -4.28
C CYS B 25 23.13 12.97 -5.16
N ALA B 26 22.60 12.52 -6.29
CA ALA B 26 21.98 13.40 -7.28
C ALA B 26 20.54 13.00 -7.51
N ALA B 27 19.67 13.99 -7.58
CA ALA B 27 18.25 13.76 -7.82
C ALA B 27 17.96 13.66 -9.31
N SER B 28 16.80 13.11 -9.63
CA SER B 28 16.33 12.96 -11.00
C SER B 28 15.04 13.75 -11.18
N GLY B 29 14.89 14.36 -12.35
CA GLY B 29 13.72 15.16 -12.64
C GLY B 29 13.94 16.62 -12.32
N SER B 30 12.83 17.36 -12.32
CA SER B 30 12.82 18.80 -12.07
C SER B 30 12.18 19.05 -10.71
N ILE B 31 13.00 19.41 -9.72
CA ILE B 31 12.54 19.76 -8.39
C ILE B 31 12.90 21.21 -8.13
N PHE B 32 11.91 22.03 -7.77
CA PHE B 32 12.16 23.45 -7.60
C PHE B 32 13.11 23.71 -6.43
N SER B 33 12.88 23.05 -5.30
CA SER B 33 13.73 23.21 -4.14
C SER B 33 13.53 22.02 -3.21
N ILE B 34 14.53 21.75 -2.39
CA ILE B 34 14.52 20.66 -1.43
C ILE B 34 14.69 21.27 -0.04
N ASN B 35 13.81 20.87 0.89
CA ASN B 35 13.88 21.41 2.24
C ASN B 35 15.24 21.15 2.87
N ARG B 36 15.77 19.93 2.72
CA ARG B 36 17.09 19.60 3.20
C ARG B 36 17.52 18.29 2.57
N MET B 37 18.83 18.03 2.62
CA MET B 37 19.42 16.80 2.11
C MET B 37 20.09 16.11 3.29
N THR B 38 19.54 14.99 3.72
CA THR B 38 20.04 14.26 4.88
C THR B 38 20.55 12.89 4.44
N TRP B 39 21.56 12.39 5.15
CA TRP B 39 22.13 11.09 4.86
C TRP B 39 21.91 10.15 6.05
N TYR B 40 21.96 8.85 5.76
CA TYR B 40 21.64 7.82 6.73
C TYR B 40 22.63 6.67 6.63
N ARG B 41 23.17 6.26 7.77
CA ARG B 41 23.98 5.06 7.86
C ARG B 41 23.10 3.81 7.86
N GLN B 42 23.71 2.68 7.53
CA GLN B 42 23.02 1.41 7.60
C GLN B 42 24.05 0.29 7.63
N ALA B 43 23.80 -0.71 8.47
CA ALA B 43 24.66 -1.86 8.65
C ALA B 43 23.83 -3.13 8.59
N PRO B 44 24.45 -4.28 8.36
CA PRO B 44 23.68 -5.53 8.31
C PRO B 44 22.90 -5.73 9.60
N GLY B 45 21.60 -6.02 9.44
CA GLY B 45 20.74 -6.21 10.60
C GLY B 45 20.70 -5.00 11.51
N LYS B 46 20.73 -3.80 10.94
CA LYS B 46 20.72 -2.56 11.71
C LYS B 46 19.86 -1.55 10.98
N GLU B 47 18.93 -0.93 11.72
CA GLU B 47 18.08 0.11 11.16
C GLU B 47 18.92 1.25 10.59
N ARG B 48 18.32 2.10 9.78
CA ARG B 48 19.02 3.21 9.16
C ARG B 48 18.96 4.42 10.09
N GLU B 49 20.12 4.92 10.50
CA GLU B 49 20.23 6.04 11.41
C GLU B 49 20.75 7.27 10.69
N TRP B 50 20.20 8.43 11.05
CA TRP B 50 20.63 9.70 10.48
C TRP B 50 22.02 10.07 10.98
N VAL B 51 22.79 10.72 10.11
CA VAL B 51 24.15 11.14 10.41
C VAL B 51 24.30 12.66 10.31
N ALA B 52 23.91 13.23 9.18
CA ALA B 52 24.09 14.65 8.93
C ALA B 52 23.10 15.11 7.87
N ALA B 53 22.95 16.43 7.76
CA ALA B 53 22.09 17.01 6.74
C ALA B 53 22.57 18.41 6.41
N ILE B 54 22.27 18.84 5.19
CA ILE B 54 22.58 20.17 4.70
C ILE B 54 21.28 20.81 4.25
N THR B 55 21.03 22.04 4.71
CA THR B 55 19.80 22.76 4.41
C THR B 55 20.13 24.02 3.62
N SER B 56 19.21 24.40 2.74
CA SER B 56 19.43 25.59 1.91
C SER B 56 19.69 26.80 2.79
N GLY B 57 20.46 27.75 2.25
CA GLY B 57 20.82 28.94 2.98
C GLY B 57 22.12 28.84 3.76
N GLY B 58 22.92 27.78 3.53
CA GLY B 58 24.18 27.61 4.22
C GLY B 58 24.09 26.89 5.55
N SER B 59 22.89 26.57 6.02
CA SER B 59 22.73 25.87 7.28
C SER B 59 23.00 24.38 7.11
N THR B 60 23.74 23.82 8.05
CA THR B 60 24.10 22.41 8.03
C THR B 60 24.15 21.89 9.46
N ASN B 61 23.79 20.62 9.63
CA ASN B 61 23.78 20.00 10.94
C ASN B 61 24.46 18.64 10.91
N TYR B 62 25.35 18.42 11.89
CA TYR B 62 26.09 17.18 12.03
C TYR B 62 25.91 16.60 13.42
N ALA B 63 26.63 15.52 13.72
CA ALA B 63 26.79 15.00 15.06
C ALA B 63 28.27 15.05 15.43
N ASP B 64 28.58 14.71 16.68
CA ASP B 64 29.96 14.78 17.15
C ASP B 64 30.86 13.89 16.30
N SER B 65 30.62 12.57 16.36
CA SER B 65 31.41 11.65 15.57
C SER B 65 31.20 11.88 14.08
N VAL B 66 29.98 12.20 13.67
CA VAL B 66 29.70 12.48 12.27
C VAL B 66 30.53 13.67 11.80
N LYS B 67 30.51 14.76 12.57
CA LYS B 67 31.28 15.94 12.20
C LYS B 67 32.78 15.62 12.14
N GLY B 68 33.27 14.89 13.14
CA GLY B 68 34.66 14.48 13.13
C GLY B 68 35.01 13.52 12.00
N ARG B 69 34.00 12.91 11.39
CA ARG B 69 34.23 11.91 10.34
C ARG B 69 34.26 12.54 8.95
N PHE B 70 33.18 13.21 8.56
CA PHE B 70 33.05 13.74 7.20
C PHE B 70 32.38 15.11 7.25
N THR B 71 32.24 15.69 6.06
CA THR B 71 31.57 16.98 5.87
C THR B 71 30.70 16.90 4.63
N ILE B 72 29.50 17.46 4.71
CA ILE B 72 28.52 17.38 3.62
C ILE B 72 28.22 18.78 3.11
N SER B 73 27.79 18.83 1.85
CA SER B 73 27.40 20.11 1.23
C SER B 73 26.34 19.82 0.19
N ARG B 74 25.15 20.39 0.37
CA ARG B 74 24.02 20.18 -0.52
C ARG B 74 23.65 21.49 -1.20
N ASP B 75 23.06 21.38 -2.40
CA ASP B 75 22.66 22.55 -3.16
C ASP B 75 21.38 22.24 -3.92
N ASN B 76 20.37 23.10 -3.73
CA ASN B 76 19.11 22.93 -4.45
C ASN B 76 19.21 23.38 -5.89
N ALA B 77 19.94 24.48 -6.14
CA ALA B 77 20.12 24.94 -7.52
C ALA B 77 20.81 23.88 -8.35
N GLU B 78 21.89 23.29 -7.81
CA GLU B 78 22.50 22.13 -8.45
C GLU B 78 21.66 20.89 -8.26
N ASN B 79 20.79 20.88 -7.25
CA ASN B 79 19.91 19.73 -6.98
C ASN B 79 20.72 18.48 -6.72
N THR B 80 21.74 18.61 -5.87
CA THR B 80 22.59 17.47 -5.55
C THR B 80 23.37 17.78 -4.28
N VAL B 81 23.87 16.73 -3.65
CA VAL B 81 24.63 16.85 -2.41
C VAL B 81 25.88 16.00 -2.52
N TYR B 82 26.95 16.44 -1.85
CA TYR B 82 28.24 15.79 -1.88
C TYR B 82 28.75 15.60 -0.45
N LEU B 83 29.20 14.39 -0.15
CA LEU B 83 29.80 14.04 1.12
C LEU B 83 31.29 13.77 0.92
N GLN B 84 32.11 14.27 1.85
CA GLN B 84 33.55 14.11 1.78
C GLN B 84 34.05 13.59 3.12
N MET B 85 34.58 12.37 3.13
CA MET B 85 35.20 11.79 4.31
C MET B 85 36.68 12.14 4.31
N ASN B 86 37.16 12.59 5.47
CA ASN B 86 38.59 12.84 5.69
C ASN B 86 39.04 11.95 6.84
N SER B 87 40.15 11.25 6.65
CA SER B 87 40.71 10.34 7.65
C SER B 87 39.70 9.25 8.01
N LEU B 88 39.37 8.44 7.01
CA LEU B 88 38.46 7.33 7.19
C LEU B 88 39.10 6.24 8.03
N LYS B 89 38.27 5.48 8.73
CA LYS B 89 38.75 4.42 9.62
C LYS B 89 37.90 3.17 9.45
N PRO B 90 38.41 1.99 9.87
CA PRO B 90 37.59 0.78 9.78
C PRO B 90 36.35 0.83 10.66
N GLU B 91 36.36 1.61 11.74
CA GLU B 91 35.20 1.65 12.63
C GLU B 91 33.98 2.21 11.92
N ASP B 92 34.16 3.31 11.18
CA ASP B 92 33.05 3.95 10.47
C ASP B 92 32.95 3.35 9.07
N THR B 93 32.23 2.24 8.97
CA THR B 93 32.01 1.55 7.70
C THR B 93 30.57 1.11 7.65
N ALA B 94 29.80 1.66 6.71
CA ALA B 94 28.38 1.37 6.61
C ALA B 94 27.86 1.90 5.29
N VAL B 95 26.80 1.27 4.78
CA VAL B 95 26.17 1.73 3.56
C VAL B 95 25.40 3.02 3.84
N TYR B 96 25.32 3.88 2.83
CA TYR B 96 24.72 5.20 2.98
C TYR B 96 23.48 5.32 2.11
N TYR B 97 22.48 6.04 2.64
CA TYR B 97 21.25 6.32 1.92
C TYR B 97 20.91 7.81 2.04
N CYS B 98 20.09 8.28 1.12
CA CYS B 98 19.75 9.70 1.02
C CYS B 98 18.30 9.94 1.44
N GLU B 99 18.08 11.01 2.18
CA GLU B 99 16.73 11.36 2.64
C GLU B 99 15.95 12.11 1.57
N ALA B 100 16.46 13.29 1.18
CA ALA B 100 15.74 14.20 0.28
C ALA B 100 14.43 14.66 0.92
N TYR B 101 14.52 15.09 2.17
CA TYR B 101 13.33 15.52 2.90
C TYR B 101 12.77 16.80 2.26
N GLY B 102 11.44 16.83 2.14
CA GLY B 102 10.80 18.01 1.59
C GLY B 102 11.19 18.31 0.15
N THR B 103 11.28 17.27 -0.68
CA THR B 103 11.58 17.47 -2.10
C THR B 103 10.32 17.97 -2.80
N TYR B 104 10.34 19.23 -3.22
CA TYR B 104 9.18 19.88 -3.82
C TYR B 104 9.37 19.91 -5.34
N THR B 105 8.63 19.06 -6.04
CA THR B 105 8.65 18.98 -7.48
C THR B 105 7.38 19.58 -8.06
N LEU B 106 7.45 19.95 -9.34
CA LEU B 106 6.30 20.55 -10.01
C LEU B 106 6.57 20.57 -11.51
N ALA B 107 5.50 20.68 -12.27
CA ALA B 107 5.53 20.75 -13.72
C ALA B 107 4.71 21.94 -14.18
N PRO B 108 4.93 22.42 -15.41
CA PRO B 108 4.11 23.54 -15.90
C PRO B 108 2.63 23.27 -15.85
N THR B 109 2.22 22.00 -15.89
CA THR B 109 0.80 21.67 -15.72
C THR B 109 0.32 21.94 -14.30
N GLY B 110 1.22 22.03 -13.33
CA GLY B 110 0.87 22.32 -11.95
C GLY B 110 0.83 21.11 -11.04
N GLU B 111 1.02 19.91 -11.57
CA GLU B 111 1.04 18.71 -10.75
C GLU B 111 2.42 18.54 -10.13
N GLY B 112 2.47 18.50 -8.80
CA GLY B 112 3.73 18.41 -8.08
C GLY B 112 3.67 17.33 -7.01
N GLU B 113 4.81 17.15 -6.34
CA GLU B 113 4.95 16.16 -5.29
C GLU B 113 5.86 16.72 -4.20
N TYR B 114 5.43 16.59 -2.94
CA TYR B 114 6.20 17.05 -1.79
C TYR B 114 6.78 15.90 -0.98
N ASP B 115 6.81 14.70 -1.54
CA ASP B 115 7.31 13.54 -0.82
C ASP B 115 8.84 13.54 -0.80
N ASP B 116 9.39 12.84 0.19
CA ASP B 116 10.84 12.65 0.28
C ASP B 116 11.21 11.36 -0.46
N TYR B 117 12.25 11.46 -1.29
CA TYR B 117 12.65 10.37 -2.19
C TYR B 117 13.96 9.76 -1.70
N TRP B 118 13.98 8.44 -1.60
CA TRP B 118 15.16 7.69 -1.23
C TRP B 118 15.75 6.99 -2.45
N GLY B 119 17.08 7.03 -2.54
CA GLY B 119 17.81 6.38 -3.61
C GLY B 119 18.47 5.09 -3.13
N GLN B 120 19.17 4.45 -4.07
CA GLN B 120 19.89 3.23 -3.76
C GLN B 120 21.02 3.53 -2.77
N GLY B 121 21.64 2.47 -2.26
CA GLY B 121 22.68 2.58 -1.28
C GLY B 121 24.08 2.51 -1.87
N THR B 122 25.03 3.09 -1.15
CA THR B 122 26.44 3.06 -1.52
C THR B 122 27.25 2.66 -0.30
N GLN B 123 27.98 1.57 -0.40
CA GLN B 123 28.73 1.01 0.72
C GLN B 123 30.18 1.47 0.68
N VAL B 124 30.83 1.38 1.84
CA VAL B 124 32.23 1.74 1.99
C VAL B 124 32.82 0.95 3.14
N MET B 125 34.00 0.37 2.92
CA MET B 125 34.74 -0.31 3.97
C MET B 125 36.17 0.20 4.00
N VAL B 126 36.83 0.00 5.14
CA VAL B 126 38.20 0.45 5.35
C VAL B 126 38.97 -0.65 6.06
N SER B 127 40.19 -0.89 5.61
CA SER B 127 41.04 -1.92 6.21
C SER B 127 41.31 -1.61 7.67
N PRO C 1 -16.23 -5.82 10.43
CA PRO C 1 -15.53 -6.11 11.69
C PRO C 1 -15.97 -7.43 12.31
N GLU C 2 -15.52 -7.70 13.54
CA GLU C 2 -15.89 -8.95 14.20
C GLU C 2 -17.40 -9.04 14.40
N ARG C 3 -18.03 -7.94 14.82
CA ARG C 3 -19.47 -7.96 15.02
C ARG C 3 -20.21 -8.23 13.72
N ARG C 4 -19.74 -7.63 12.62
CA ARG C 4 -20.40 -7.82 11.33
C ARG C 4 -20.36 -9.29 10.92
N VAL C 5 -19.19 -9.92 11.03
CA VAL C 5 -19.07 -11.32 10.63
C VAL C 5 -19.86 -12.22 11.56
N ARG C 6 -19.86 -11.89 12.86
CA ARG C 6 -20.64 -12.69 13.81
C ARG C 6 -22.12 -12.63 13.48
N SER C 7 -22.63 -11.44 13.19
CA SER C 7 -24.04 -11.29 12.83
C SER C 7 -24.35 -12.01 11.53
N THR C 8 -23.44 -11.91 10.54
CA THR C 8 -23.66 -12.61 9.28
C THR C 8 -23.71 -14.11 9.47
N LEU C 9 -22.82 -14.66 10.29
CA LEU C 9 -22.83 -16.09 10.56
C LEU C 9 -24.09 -16.50 11.30
N LYS C 10 -24.53 -15.69 12.27
CA LYS C 10 -25.76 -15.98 12.97
C LYS C 10 -26.95 -16.00 12.03
N LYS C 11 -26.99 -15.05 11.09
CA LYS C 11 -28.08 -15.01 10.12
C LYS C 11 -28.01 -16.19 9.14
N VAL C 12 -26.80 -16.61 8.77
CA VAL C 12 -26.63 -17.64 7.76
C VAL C 12 -26.52 -19.01 8.42
N PHE C 13 -25.47 -19.22 9.20
CA PHE C 13 -25.22 -20.52 9.82
C PHE C 13 -25.89 -20.67 11.17
N GLY C 14 -26.24 -19.56 11.83
CA GLY C 14 -26.84 -19.65 13.15
C GLY C 14 -25.90 -20.22 14.19
N PHE C 15 -24.62 -19.88 14.11
CA PHE C 15 -23.60 -20.34 15.06
C PHE C 15 -23.27 -19.22 16.02
N ASP C 16 -23.40 -19.48 17.32
CA ASP C 16 -23.10 -18.45 18.31
C ASP C 16 -21.62 -18.09 18.30
N SER C 17 -20.75 -19.04 17.94
CA SER C 17 -19.32 -18.81 17.90
C SER C 17 -18.72 -19.58 16.73
N PHE C 18 -17.54 -19.14 16.29
CA PHE C 18 -16.87 -19.79 15.17
C PHE C 18 -16.33 -21.14 15.59
N LYS C 19 -16.21 -22.03 14.60
CA LYS C 19 -15.80 -23.41 14.88
C LYS C 19 -14.40 -23.48 15.46
N THR C 20 -13.50 -22.59 15.03
CA THR C 20 -12.11 -22.65 15.46
C THR C 20 -11.48 -21.28 15.30
N PRO C 21 -10.53 -20.89 16.15
CA PRO C 21 -9.87 -19.58 15.93
C PRO C 21 -9.22 -19.47 14.56
N LEU C 22 -8.76 -20.59 14.00
CA LEU C 22 -8.25 -20.55 12.62
C LEU C 22 -9.33 -20.07 11.67
N GLN C 23 -10.58 -20.50 11.88
CA GLN C 23 -11.68 -20.01 11.06
C GLN C 23 -11.86 -18.51 11.24
N GLU C 24 -11.76 -18.03 12.49
CA GLU C 24 -11.81 -16.59 12.74
C GLU C 24 -10.78 -15.86 11.90
N SER C 25 -9.53 -16.31 11.97
CA SER C 25 -8.44 -15.62 11.25
C SER C 25 -8.67 -15.69 9.75
N ALA C 26 -9.06 -16.85 9.23
CA ALA C 26 -9.27 -17.00 7.79
C ALA C 26 -10.39 -16.11 7.30
N THR C 27 -11.51 -16.07 8.04
CA THR C 27 -12.62 -15.21 7.65
C THR C 27 -12.23 -13.75 7.71
N MET C 28 -11.47 -13.35 8.73
CA MET C 28 -11.02 -11.97 8.82
C MET C 28 -10.15 -11.61 7.64
N ALA C 29 -9.21 -12.50 7.28
CA ALA C 29 -8.34 -12.23 6.15
C ALA C 29 -9.13 -12.15 4.85
N VAL C 30 -10.10 -13.05 4.66
CA VAL C 30 -10.89 -13.04 3.44
C VAL C 30 -11.71 -11.75 3.35
N VAL C 31 -12.32 -11.33 4.46
CA VAL C 31 -13.10 -10.10 4.45
C VAL C 31 -12.19 -8.91 4.16
N LYS C 32 -10.99 -8.90 4.74
CA LYS C 32 -10.06 -7.80 4.47
C LYS C 32 -9.72 -7.73 2.99
N GLY C 33 -9.49 -8.87 2.35
CA GLY C 33 -9.22 -8.89 0.94
C GLY C 33 -7.93 -8.23 0.53
N ASN C 34 -7.02 -8.01 1.48
CA ASN C 34 -5.73 -7.39 1.15
C ASN C 34 -4.94 -8.25 0.19
N LYS C 35 -5.07 -9.57 0.29
CA LYS C 35 -4.35 -10.50 -0.58
C LYS C 35 -5.02 -11.86 -0.50
N ASP C 36 -4.58 -12.76 -1.38
CA ASP C 36 -5.15 -14.09 -1.41
C ASP C 36 -4.92 -14.80 -0.07
N VAL C 37 -5.74 -15.81 0.19
CA VAL C 37 -5.65 -16.62 1.41
C VAL C 37 -5.81 -18.08 1.03
N PHE C 38 -4.91 -18.92 1.53
CA PHE C 38 -4.97 -20.37 1.33
C PHE C 38 -5.36 -20.99 2.68
N VAL C 39 -6.61 -21.42 2.79
CA VAL C 39 -7.15 -21.95 4.03
C VAL C 39 -7.55 -23.40 3.79
N CYS C 40 -7.07 -24.30 4.67
CA CYS C 40 -7.31 -25.72 4.54
C CYS C 40 -7.80 -26.28 5.87
N MET C 41 -8.86 -27.09 5.80
CA MET C 41 -9.42 -27.73 6.98
C MET C 41 -9.93 -29.10 6.58
N PRO C 42 -10.09 -30.01 7.53
CA PRO C 42 -10.70 -31.31 7.23
C PRO C 42 -12.19 -31.18 6.96
N THR C 43 -12.72 -32.20 6.29
CA THR C 43 -14.14 -32.21 5.97
C THR C 43 -14.97 -32.12 7.24
N GLY C 44 -16.03 -31.32 7.19
CA GLY C 44 -16.92 -31.13 8.31
C GLY C 44 -16.53 -30.01 9.25
N ALA C 45 -15.48 -29.25 8.93
CA ALA C 45 -15.02 -28.15 9.77
C ALA C 45 -15.62 -26.81 9.36
N GLY C 46 -16.64 -26.83 8.51
CA GLY C 46 -17.26 -25.58 8.07
C GLY C 46 -16.31 -24.68 7.30
N LYS C 47 -15.41 -25.28 6.51
CA LYS C 47 -14.47 -24.49 5.74
C LYS C 47 -15.17 -23.63 4.69
N SER C 48 -16.33 -24.10 4.20
CA SER C 48 -17.03 -23.35 3.17
C SER C 48 -17.50 -21.99 3.69
N LEU C 49 -17.84 -21.91 4.97
CA LEU C 49 -18.28 -20.64 5.54
C LEU C 49 -17.21 -19.57 5.41
N CYS C 50 -15.93 -19.97 5.47
CA CYS C 50 -14.86 -18.99 5.41
C CYS C 50 -14.94 -18.13 4.17
N TYR C 51 -15.41 -18.67 3.05
CA TYR C 51 -15.63 -17.90 1.84
C TYR C 51 -17.08 -17.49 1.64
N GLN C 52 -18.03 -18.24 2.20
CA GLN C 52 -19.43 -17.84 2.09
C GLN C 52 -19.71 -16.52 2.79
N LEU C 53 -19.13 -16.34 3.99
CA LEU C 53 -19.39 -15.10 4.74
C LEU C 53 -18.83 -13.89 4.02
N PRO C 54 -17.53 -13.82 3.69
CA PRO C 54 -17.03 -12.63 2.99
C PRO C 54 -17.67 -12.40 1.65
N ALA C 55 -18.06 -13.47 0.93
CA ALA C 55 -18.69 -13.29 -0.37
C ALA C 55 -19.96 -12.47 -0.26
N LEU C 56 -20.79 -12.76 0.75
CA LEU C 56 -21.98 -11.95 1.00
C LEU C 56 -21.63 -10.60 1.61
N LEU C 57 -20.56 -10.55 2.41
CA LEU C 57 -20.17 -9.29 3.02
C LEU C 57 -19.75 -8.26 1.97
N ALA C 58 -19.01 -8.70 0.97
CA ALA C 58 -18.57 -7.79 -0.09
C ALA C 58 -19.71 -7.53 -1.07
N LYS C 59 -19.75 -6.30 -1.58
CA LYS C 59 -20.81 -5.93 -2.54
C LYS C 59 -20.61 -6.63 -3.88
N GLY C 60 -19.37 -6.87 -4.29
CA GLY C 60 -19.14 -7.50 -5.57
C GLY C 60 -19.68 -8.92 -5.60
N ILE C 61 -20.10 -9.34 -6.79
CA ILE C 61 -20.68 -10.67 -6.99
C ILE C 61 -19.54 -11.67 -6.97
N THR C 62 -19.33 -12.33 -5.84
CA THR C 62 -18.27 -13.32 -5.73
C THR C 62 -18.57 -14.54 -6.59
N ILE C 63 -17.52 -15.19 -7.06
CA ILE C 63 -17.63 -16.38 -7.89
C ILE C 63 -16.72 -17.46 -7.32
N VAL C 64 -17.22 -18.69 -7.29
CA VAL C 64 -16.50 -19.82 -6.72
C VAL C 64 -16.57 -20.99 -7.69
N VAL C 65 -15.58 -21.87 -7.62
CA VAL C 65 -15.45 -23.01 -8.53
C VAL C 65 -15.34 -24.27 -7.70
N SER C 66 -16.11 -25.29 -8.09
CA SER C 66 -16.06 -26.61 -7.47
C SER C 66 -16.07 -27.67 -8.56
N PRO C 67 -15.35 -28.78 -8.36
CA PRO C 67 -15.28 -29.79 -9.43
C PRO C 67 -16.60 -30.46 -9.75
N LEU C 68 -17.24 -31.05 -8.74
CA LEU C 68 -18.41 -31.90 -8.98
C LEU C 68 -19.67 -31.07 -9.11
N ILE C 69 -20.57 -31.52 -9.99
CA ILE C 69 -21.88 -30.89 -10.10
C ILE C 69 -22.81 -31.38 -8.99
N ALA C 70 -22.66 -32.63 -8.55
CA ALA C 70 -23.37 -33.05 -7.35
C ALA C 70 -22.95 -32.20 -6.16
N LEU C 71 -21.64 -31.96 -6.03
CA LEU C 71 -21.15 -31.11 -4.95
C LEU C 71 -21.73 -29.70 -5.05
N ILE C 72 -21.64 -29.10 -6.23
CA ILE C 72 -22.07 -27.72 -6.43
C ILE C 72 -23.55 -27.64 -6.06
N GLN C 73 -24.32 -28.65 -6.49
CA GLN C 73 -25.74 -28.68 -6.16
C GLN C 73 -25.96 -28.77 -4.65
N ASP C 74 -25.18 -29.61 -3.98
CA ASP C 74 -25.32 -29.75 -2.54
C ASP C 74 -25.06 -28.43 -1.83
N GLN C 75 -23.98 -27.74 -2.21
CA GLN C 75 -23.69 -26.47 -1.53
C GLN C 75 -24.72 -25.42 -1.87
N VAL C 76 -25.22 -25.40 -3.12
CA VAL C 76 -26.25 -24.43 -3.48
C VAL C 76 -27.51 -24.67 -2.65
N ASP C 77 -27.90 -25.94 -2.48
CA ASP C 77 -29.06 -26.24 -1.65
C ASP C 77 -28.82 -25.85 -0.20
N HIS C 78 -27.62 -26.12 0.32
CA HIS C 78 -27.32 -25.76 1.71
C HIS C 78 -27.38 -24.26 1.92
N LEU C 79 -26.96 -23.48 0.94
CA LEU C 79 -27.06 -22.03 1.05
C LEU C 79 -28.50 -21.54 0.86
N LEU C 80 -29.27 -22.21 0.00
CA LEU C 80 -30.66 -21.80 -0.21
C LEU C 80 -31.50 -22.03 1.03
N THR C 81 -31.34 -23.19 1.67
CA THR C 81 -32.09 -23.47 2.89
C THR C 81 -31.75 -22.47 3.99
N LEU C 82 -30.61 -21.79 3.88
CA LEU C 82 -30.23 -20.74 4.81
C LEU C 82 -30.52 -19.35 4.26
N LYS C 83 -31.31 -19.25 3.17
CA LYS C 83 -31.75 -17.99 2.59
C LYS C 83 -30.59 -17.27 1.89
N VAL C 84 -29.38 -17.81 1.98
CA VAL C 84 -28.24 -17.16 1.34
C VAL C 84 -28.44 -17.14 -0.17
N ARG C 85 -28.21 -15.98 -0.76
CA ARG C 85 -28.32 -15.85 -2.21
C ARG C 85 -27.23 -16.69 -2.88
N VAL C 86 -27.62 -17.48 -3.87
CA VAL C 86 -26.69 -18.37 -4.55
C VAL C 86 -27.30 -18.76 -5.89
N SER C 87 -26.44 -19.03 -6.87
CA SER C 87 -26.88 -19.47 -8.17
C SER C 87 -25.82 -20.38 -8.77
N SER C 88 -26.23 -21.17 -9.77
CA SER C 88 -25.34 -22.10 -10.43
C SER C 88 -25.49 -21.93 -11.94
N LEU C 89 -24.36 -21.77 -12.63
CA LEU C 89 -24.32 -21.65 -14.08
C LEU C 89 -23.96 -22.96 -14.75
N ASN C 90 -24.35 -24.09 -14.16
CA ASN C 90 -24.01 -25.39 -14.70
C ASN C 90 -24.82 -25.68 -15.97
N SER C 91 -24.32 -26.63 -16.76
CA SER C 91 -25.01 -27.05 -17.97
C SER C 91 -26.36 -27.69 -17.67
N LYS C 92 -26.56 -28.16 -16.43
CA LYS C 92 -27.85 -28.78 -16.08
C LYS C 92 -28.99 -27.78 -16.20
N LEU C 93 -28.70 -26.48 -16.04
CA LEU C 93 -29.75 -25.47 -16.14
C LEU C 93 -30.41 -25.52 -17.49
N SER C 94 -31.74 -25.41 -17.50
CA SER C 94 -32.48 -25.41 -18.75
C SER C 94 -32.03 -24.24 -19.63
N ALA C 95 -32.33 -24.36 -20.92
CA ALA C 95 -31.92 -23.32 -21.87
C ALA C 95 -32.41 -21.96 -21.42
N GLN C 96 -33.71 -21.85 -21.11
CA GLN C 96 -34.26 -20.59 -20.62
C GLN C 96 -33.64 -20.21 -19.29
N GLU C 97 -33.49 -21.17 -18.37
CA GLU C 97 -32.88 -20.87 -17.08
C GLU C 97 -31.42 -20.47 -17.25
N ARG C 98 -30.69 -21.16 -18.12
CA ARG C 98 -29.30 -20.80 -18.36
C ARG C 98 -29.18 -19.39 -18.94
N LYS C 99 -30.07 -19.05 -19.89
CA LYS C 99 -30.05 -17.71 -20.45
C LYS C 99 -30.39 -16.66 -19.38
N GLU C 100 -31.35 -16.97 -18.51
CA GLU C 100 -31.69 -16.04 -17.44
C GLU C 100 -30.51 -15.82 -16.50
N LEU C 101 -29.81 -16.90 -16.13
CA LEU C 101 -28.64 -16.76 -15.29
C LEU C 101 -27.54 -15.95 -15.97
N LEU C 102 -27.33 -16.21 -17.26
CA LEU C 102 -26.31 -15.47 -18.00
C LEU C 102 -26.65 -13.98 -18.07
N ALA C 103 -27.92 -13.66 -18.29
CA ALA C 103 -28.33 -12.26 -18.32
C ALA C 103 -28.17 -11.61 -16.95
N ASP C 104 -28.53 -12.34 -15.88
CA ASP C 104 -28.39 -11.78 -14.54
C ASP C 104 -26.93 -11.49 -14.23
N LEU C 105 -26.03 -12.41 -14.60
CA LEU C 105 -24.61 -12.17 -14.38
C LEU C 105 -24.10 -11.02 -15.24
N GLU C 106 -24.52 -10.96 -16.51
CA GLU C 106 -24.02 -9.95 -17.42
C GLU C 106 -24.54 -8.57 -17.02
N ARG C 107 -25.83 -8.45 -16.73
CA ARG C 107 -26.42 -7.16 -16.38
C ARG C 107 -25.79 -6.62 -15.11
N GLU C 108 -25.69 -5.30 -15.04
CA GLU C 108 -25.12 -4.65 -13.87
C GLU C 108 -25.92 -4.99 -12.62
N LYS C 109 -25.27 -4.89 -11.46
CA LYS C 109 -25.88 -5.24 -10.19
C LYS C 109 -26.37 -6.68 -10.25
N PRO C 110 -25.47 -7.66 -10.31
CA PRO C 110 -25.91 -9.06 -10.32
C PRO C 110 -26.74 -9.38 -9.08
N GLN C 111 -27.84 -10.09 -9.29
CA GLN C 111 -28.70 -10.45 -8.17
C GLN C 111 -28.03 -11.47 -7.26
N THR C 112 -27.22 -12.36 -7.82
CA THR C 112 -26.57 -13.40 -7.04
C THR C 112 -25.40 -12.81 -6.25
N LYS C 113 -25.35 -13.13 -4.96
CA LYS C 113 -24.22 -12.70 -4.14
C LYS C 113 -22.99 -13.56 -4.36
N ILE C 114 -23.18 -14.89 -4.38
CA ILE C 114 -22.10 -15.83 -4.67
C ILE C 114 -22.59 -16.78 -5.74
N LEU C 115 -21.81 -16.91 -6.82
CA LEU C 115 -22.18 -17.74 -7.96
C LEU C 115 -21.18 -18.88 -8.09
N TYR C 116 -21.69 -20.11 -8.08
CA TYR C 116 -20.86 -21.29 -8.23
C TYR C 116 -20.91 -21.74 -9.69
N ILE C 117 -19.75 -22.06 -10.26
CA ILE C 117 -19.66 -22.54 -11.63
C ILE C 117 -18.60 -23.63 -11.70
N THR C 118 -18.88 -24.67 -12.49
CA THR C 118 -17.92 -25.75 -12.65
C THR C 118 -16.71 -25.25 -13.42
N PRO C 119 -15.52 -25.81 -13.16
CA PRO C 119 -14.31 -25.30 -13.83
C PRO C 119 -14.44 -25.22 -15.33
N GLU C 120 -15.04 -26.22 -15.97
CA GLU C 120 -15.19 -26.20 -17.42
C GLU C 120 -16.11 -25.09 -17.89
N MET C 121 -17.04 -24.65 -17.04
CA MET C 121 -17.94 -23.57 -17.43
C MET C 121 -17.18 -22.27 -17.63
N ALA C 122 -16.22 -21.98 -16.76
CA ALA C 122 -15.42 -20.77 -16.94
C ALA C 122 -14.65 -20.81 -18.24
N ALA C 123 -14.26 -22.00 -18.69
CA ALA C 123 -13.60 -22.15 -19.99
C ALA C 123 -14.57 -22.06 -21.15
N SER C 124 -15.87 -22.22 -20.90
CA SER C 124 -16.85 -22.13 -21.97
C SER C 124 -16.87 -20.73 -22.55
N SER C 125 -17.02 -20.64 -23.87
CA SER C 125 -17.01 -19.35 -24.55
C SER C 125 -18.22 -18.51 -24.18
N SER C 126 -19.33 -19.14 -23.78
CA SER C 126 -20.55 -18.38 -23.48
C SER C 126 -20.33 -17.44 -22.30
N PHE C 127 -19.65 -17.92 -21.25
CA PHE C 127 -19.43 -17.11 -20.06
C PHE C 127 -18.31 -16.10 -20.21
N GLN C 128 -17.51 -16.19 -21.28
CA GLN C 128 -16.38 -15.27 -21.44
C GLN C 128 -16.82 -13.81 -21.42
N PRO C 129 -17.80 -13.38 -22.23
CA PRO C 129 -18.23 -11.98 -22.15
C PRO C 129 -18.74 -11.60 -20.78
N THR C 130 -19.38 -12.53 -20.07
CA THR C 130 -19.84 -12.25 -18.71
C THR C 130 -18.66 -11.92 -17.80
N LEU C 131 -17.63 -12.77 -17.81
CA LEU C 131 -16.47 -12.52 -16.96
C LEU C 131 -15.77 -11.23 -17.37
N ASN C 132 -15.71 -10.95 -18.68
CA ASN C 132 -15.11 -9.71 -19.13
C ASN C 132 -15.87 -8.51 -18.57
N SER C 133 -17.20 -8.55 -18.61
CA SER C 133 -17.99 -7.44 -18.07
C SER C 133 -17.79 -7.29 -16.57
N LEU C 134 -17.80 -8.40 -15.84
CA LEU C 134 -17.62 -8.31 -14.38
C LEU C 134 -16.24 -7.76 -14.04
N VAL C 135 -15.20 -8.20 -14.73
CA VAL C 135 -13.86 -7.68 -14.42
C VAL C 135 -13.76 -6.21 -14.81
N SER C 136 -14.39 -5.82 -15.92
CA SER C 136 -14.37 -4.41 -16.31
C SER C 136 -15.07 -3.54 -15.27
N ARG C 137 -16.19 -4.01 -14.74
CA ARG C 137 -16.94 -3.28 -13.73
C ARG C 137 -16.57 -3.71 -12.31
N HIS C 138 -15.46 -4.41 -12.14
CA HIS C 138 -15.01 -4.93 -10.84
C HIS C 138 -16.18 -5.47 -10.04
N LEU C 139 -17.01 -6.28 -10.72
CA LEU C 139 -18.17 -6.88 -10.08
C LEU C 139 -17.80 -8.12 -9.26
N LEU C 140 -16.64 -8.70 -9.50
CA LEU C 140 -16.21 -9.90 -8.77
C LEU C 140 -15.52 -9.47 -7.49
N SER C 141 -16.24 -9.56 -6.37
CA SER C 141 -15.65 -9.20 -5.08
C SER C 141 -14.47 -10.11 -4.75
N TYR C 142 -14.72 -11.41 -4.63
CA TYR C 142 -13.68 -12.39 -4.33
C TYR C 142 -13.82 -13.57 -5.26
N LEU C 143 -12.70 -14.24 -5.52
CA LEU C 143 -12.64 -15.41 -6.39
C LEU C 143 -12.11 -16.58 -5.57
N VAL C 144 -13.02 -17.27 -4.89
CA VAL C 144 -12.64 -18.46 -4.13
C VAL C 144 -12.62 -19.67 -5.08
N VAL C 145 -11.86 -20.69 -4.68
CA VAL C 145 -11.75 -21.90 -5.47
C VAL C 145 -11.80 -23.10 -4.53
N ASP C 146 -12.98 -23.72 -4.43
CA ASP C 146 -13.13 -24.90 -3.59
C ASP C 146 -12.36 -26.07 -4.20
N GLU C 147 -11.80 -26.92 -3.35
CA GLU C 147 -11.04 -28.08 -3.77
C GLU C 147 -9.81 -27.64 -4.60
N ALA C 148 -9.07 -26.69 -4.05
CA ALA C 148 -7.90 -26.18 -4.76
C ALA C 148 -6.83 -27.25 -4.97
N HIS C 149 -6.86 -28.32 -4.17
CA HIS C 149 -5.86 -29.37 -4.32
C HIS C 149 -5.97 -30.09 -5.66
N CYS C 150 -7.11 -29.96 -6.35
CA CYS C 150 -7.27 -30.63 -7.64
C CYS C 150 -6.31 -30.09 -8.70
N VAL C 151 -5.82 -28.86 -8.53
CA VAL C 151 -4.87 -28.31 -9.49
C VAL C 151 -3.56 -29.09 -9.47
N SER C 152 -3.14 -29.57 -8.30
CA SER C 152 -1.90 -30.31 -8.16
C SER C 152 -2.16 -31.79 -8.39
N GLN C 153 -1.33 -32.41 -9.23
CA GLN C 153 -1.49 -33.83 -9.50
C GLN C 153 -1.11 -34.69 -8.31
N TRP C 154 -0.34 -34.15 -7.36
CA TRP C 154 0.07 -34.94 -6.20
C TRP C 154 -1.08 -35.16 -5.22
N GLY C 155 -2.08 -34.27 -5.23
CA GLY C 155 -3.20 -34.43 -4.33
C GLY C 155 -4.05 -35.63 -4.66
N HIS C 156 -4.87 -36.02 -3.69
CA HIS C 156 -5.75 -37.18 -3.88
C HIS C 156 -6.65 -37.00 -5.10
N ASP C 157 -7.05 -35.76 -5.40
CA ASP C 157 -7.89 -35.45 -6.53
C ASP C 157 -7.13 -34.58 -7.52
N PHE C 158 -7.44 -34.75 -8.80
CA PHE C 158 -6.78 -34.02 -9.88
C PHE C 158 -7.81 -33.67 -10.93
N ARG C 159 -7.72 -32.44 -11.46
CA ARG C 159 -8.63 -31.97 -12.49
C ARG C 159 -7.83 -31.16 -13.52
N PRO C 160 -7.88 -31.50 -14.81
CA PRO C 160 -7.14 -30.72 -15.80
C PRO C 160 -7.65 -29.30 -15.94
N ASP C 161 -8.91 -29.04 -15.59
CA ASP C 161 -9.49 -27.71 -15.75
C ASP C 161 -9.00 -26.73 -14.68
N TYR C 162 -8.38 -27.21 -13.61
CA TYR C 162 -7.82 -26.27 -12.63
C TYR C 162 -6.63 -25.51 -13.21
N LEU C 163 -5.96 -26.09 -14.20
CA LEU C 163 -4.93 -25.33 -14.91
C LEU C 163 -5.53 -24.10 -15.58
N ARG C 164 -6.69 -24.24 -16.22
CA ARG C 164 -7.38 -23.09 -16.78
C ARG C 164 -7.93 -22.18 -15.69
N LEU C 165 -8.34 -22.75 -14.56
CA LEU C 165 -8.75 -21.93 -13.42
C LEU C 165 -7.60 -21.04 -12.96
N GLY C 166 -6.37 -21.53 -13.09
CA GLY C 166 -5.23 -20.68 -12.76
C GLY C 166 -5.16 -19.45 -13.64
N ALA C 167 -5.34 -19.62 -14.95
CA ALA C 167 -5.38 -18.48 -15.85
C ALA C 167 -6.55 -17.57 -15.52
N LEU C 168 -7.69 -18.16 -15.15
CA LEU C 168 -8.84 -17.35 -14.74
C LEU C 168 -8.48 -16.47 -13.55
N ARG C 169 -7.79 -17.06 -12.56
CA ARG C 169 -7.25 -16.26 -11.46
C ARG C 169 -6.35 -15.16 -12.00
N SER C 170 -5.57 -15.46 -13.04
CA SER C 170 -4.78 -14.42 -13.68
C SER C 170 -5.65 -13.26 -14.11
N ARG C 171 -6.89 -13.53 -14.50
CA ARG C 171 -7.85 -12.47 -14.77
C ARG C 171 -8.44 -11.94 -13.47
N LEU C 172 -8.90 -10.69 -13.51
CA LEU C 172 -9.48 -10.05 -12.32
C LEU C 172 -8.48 -10.08 -11.17
N GLY C 173 -7.21 -9.82 -11.47
CA GLY C 173 -6.18 -9.85 -10.45
C GLY C 173 -6.39 -8.85 -9.34
N HIS C 174 -7.19 -7.81 -9.58
CA HIS C 174 -7.46 -6.84 -8.54
C HIS C 174 -8.16 -7.49 -7.35
N ALA C 175 -9.11 -8.39 -7.61
CA ALA C 175 -9.79 -9.08 -6.54
C ALA C 175 -8.91 -10.20 -5.98
N PRO C 176 -9.00 -10.48 -4.67
CA PRO C 176 -8.21 -11.57 -4.10
C PRO C 176 -8.81 -12.93 -4.40
N CYS C 177 -8.24 -13.98 -3.81
CA CYS C 177 -8.75 -15.33 -3.99
C CYS C 177 -8.71 -16.08 -2.66
N VAL C 178 -9.47 -17.17 -2.60
CA VAL C 178 -9.53 -18.04 -1.43
C VAL C 178 -9.35 -19.46 -1.92
N ALA C 179 -8.30 -20.13 -1.46
CA ALA C 179 -7.97 -21.48 -1.90
C ALA C 179 -8.29 -22.47 -0.78
N LEU C 180 -9.23 -23.37 -1.06
CA LEU C 180 -9.65 -24.39 -0.12
C LEU C 180 -9.04 -25.74 -0.48
N THR C 181 -8.89 -26.59 0.53
CA THR C 181 -8.35 -27.93 0.34
C THR C 181 -8.64 -28.75 1.59
N ALA C 182 -8.97 -30.02 1.38
CA ALA C 182 -9.25 -30.91 2.50
C ALA C 182 -7.97 -31.38 3.17
N THR C 183 -7.02 -31.88 2.37
CA THR C 183 -5.74 -32.37 2.88
C THR C 183 -4.67 -32.01 1.85
N ALA C 184 -3.84 -31.02 2.18
CA ALA C 184 -2.82 -30.53 1.27
C ALA C 184 -1.45 -30.67 1.92
N THR C 185 -0.56 -31.39 1.25
CA THR C 185 0.82 -31.51 1.70
C THR C 185 1.61 -30.27 1.28
N PRO C 186 2.75 -30.01 1.93
CA PRO C 186 3.49 -28.79 1.59
C PRO C 186 3.89 -28.74 0.12
N GLN C 187 4.26 -29.89 -0.45
CA GLN C 187 4.49 -29.94 -1.89
C GLN C 187 3.22 -29.64 -2.66
N VAL C 188 2.09 -30.21 -2.23
CA VAL C 188 0.82 -29.93 -2.87
C VAL C 188 0.43 -28.47 -2.67
N GLN C 189 0.70 -27.92 -1.48
CA GLN C 189 0.41 -26.52 -1.24
C GLN C 189 1.22 -25.62 -2.17
N GLU C 190 2.51 -25.92 -2.33
CA GLU C 190 3.34 -25.14 -3.24
C GLU C 190 2.85 -25.26 -4.68
N ASP C 191 2.45 -26.47 -5.08
CA ASP C 191 1.95 -26.66 -6.43
C ASP C 191 0.67 -25.85 -6.65
N VAL C 192 -0.23 -25.85 -5.67
CA VAL C 192 -1.46 -25.08 -5.79
C VAL C 192 -1.14 -23.60 -5.86
N PHE C 193 -0.20 -23.13 -5.03
CA PHE C 193 0.16 -21.72 -5.05
C PHE C 193 0.73 -21.32 -6.40
N ALA C 194 1.58 -22.17 -6.99
CA ALA C 194 2.22 -21.83 -8.25
C ALA C 194 1.25 -21.91 -9.43
N ALA C 195 0.36 -22.91 -9.44
CA ALA C 195 -0.54 -23.08 -10.57
C ALA C 195 -1.63 -22.02 -10.60
N LEU C 196 -2.22 -21.70 -9.45
CA LEU C 196 -3.31 -20.73 -9.40
C LEU C 196 -2.85 -19.31 -9.68
N HIS C 197 -1.54 -19.05 -9.72
CA HIS C 197 -1.02 -17.71 -9.94
C HIS C 197 -1.52 -16.73 -8.88
N LEU C 198 -1.74 -17.22 -7.66
CA LEU C 198 -2.19 -16.36 -6.58
C LEU C 198 -1.16 -15.28 -6.29
N LYS C 199 -1.64 -14.10 -5.92
CA LYS C 199 -0.74 -13.03 -5.49
C LYS C 199 0.18 -13.55 -4.40
N LYS C 200 1.48 -13.35 -4.59
CA LYS C 200 2.47 -14.02 -3.75
C LYS C 200 2.24 -13.80 -2.25
N PRO C 201 1.91 -12.60 -1.78
CA PRO C 201 1.63 -12.45 -0.35
C PRO C 201 0.31 -13.10 0.02
N VAL C 202 0.38 -14.25 0.71
CA VAL C 202 -0.81 -15.03 1.06
C VAL C 202 -0.71 -15.45 2.52
N ALA C 203 -1.82 -15.30 3.24
CA ALA C 203 -1.93 -15.76 4.61
C ALA C 203 -2.47 -17.19 4.60
N ILE C 204 -1.68 -18.13 5.10
CA ILE C 204 -2.03 -19.54 5.06
C ILE C 204 -2.63 -19.94 6.39
N PHE C 205 -3.83 -20.53 6.35
CA PHE C 205 -4.57 -20.95 7.53
C PHE C 205 -4.80 -22.46 7.42
N LYS C 206 -3.86 -23.23 7.95
CA LYS C 206 -3.94 -24.70 7.92
C LYS C 206 -4.00 -25.21 9.35
N THR C 207 -5.00 -26.03 9.63
CA THR C 207 -5.19 -26.53 10.98
C THR C 207 -4.01 -27.43 11.37
N PRO C 208 -3.43 -27.25 12.56
CA PRO C 208 -2.40 -28.19 13.01
C PRO C 208 -2.96 -29.59 13.17
N CYS C 209 -2.08 -30.57 12.99
CA CYS C 209 -2.49 -31.96 12.93
C CYS C 209 -2.32 -32.70 14.26
N PHE C 210 -1.48 -32.19 15.17
CA PHE C 210 -1.32 -32.84 16.46
C PHE C 210 -2.65 -32.86 17.21
N ARG C 211 -2.91 -33.95 17.92
CA ARG C 211 -4.12 -34.12 18.72
C ARG C 211 -3.68 -34.33 20.16
N ALA C 212 -3.83 -33.28 20.99
CA ALA C 212 -3.45 -33.39 22.39
C ALA C 212 -4.15 -34.55 23.07
N ASN C 213 -5.39 -34.87 22.65
CA ASN C 213 -6.09 -36.02 23.19
C ASN C 213 -5.57 -37.33 22.61
N LEU C 214 -5.05 -37.30 21.39
CA LEU C 214 -4.58 -38.50 20.72
C LEU C 214 -3.12 -38.78 21.06
N PHE C 215 -2.76 -40.06 21.03
CA PHE C 215 -1.41 -40.51 21.28
C PHE C 215 -1.02 -41.53 20.22
N TYR C 216 0.24 -41.49 19.81
CA TYR C 216 0.76 -42.37 18.76
C TYR C 216 1.93 -43.19 19.28
N ASP C 217 2.11 -44.37 18.68
CA ASP C 217 3.20 -45.25 19.05
C ASP C 217 3.32 -46.34 17.99
N VAL C 218 4.55 -46.68 17.63
CA VAL C 218 4.84 -47.70 16.63
C VAL C 218 5.38 -48.94 17.34
N GLN C 219 5.01 -50.10 16.81
CA GLN C 219 5.46 -51.38 17.35
C GLN C 219 6.00 -52.24 16.22
N PHE C 220 6.94 -53.11 16.56
CA PHE C 220 7.60 -54.00 15.62
C PHE C 220 7.21 -55.43 15.95
N LYS C 221 6.62 -56.13 14.97
CA LYS C 221 6.18 -57.50 15.21
C LYS C 221 7.35 -58.43 15.51
N GLU C 222 8.47 -58.25 14.79
CA GLU C 222 9.62 -59.11 15.01
C GLU C 222 10.17 -58.94 16.44
N LEU C 223 10.22 -57.71 16.92
CA LEU C 223 10.75 -57.46 18.26
C LEU C 223 9.88 -58.12 19.32
N ILE C 224 8.56 -57.94 19.23
CA ILE C 224 7.65 -58.52 20.20
C ILE C 224 7.55 -60.02 19.95
N SER C 225 7.73 -60.80 21.02
CA SER C 225 7.66 -62.25 20.89
C SER C 225 6.24 -62.71 20.59
N ASP C 226 5.24 -62.09 21.19
CA ASP C 226 3.84 -62.46 21.04
C ASP C 226 3.05 -61.22 20.65
N PRO C 227 3.02 -60.86 19.36
CA PRO C 227 2.28 -59.66 18.96
C PRO C 227 0.81 -59.73 19.29
N TYR C 228 0.20 -60.90 19.23
CA TYR C 228 -1.21 -61.03 19.60
C TYR C 228 -1.42 -60.67 21.06
N GLY C 229 -0.54 -61.15 21.94
CA GLY C 229 -0.64 -60.78 23.35
C GLY C 229 -0.45 -59.31 23.58
N ASN C 230 0.48 -58.69 22.85
CA ASN C 230 0.68 -57.25 22.97
C ASN C 230 -0.58 -56.48 22.53
N LEU C 231 -1.18 -56.91 21.43
CA LEU C 231 -2.42 -56.27 20.98
C LEU C 231 -3.53 -56.44 22.01
N LYS C 232 -3.64 -57.64 22.59
CA LYS C 232 -4.65 -57.87 23.61
C LYS C 232 -4.43 -56.97 24.83
N ASP C 233 -3.18 -56.85 25.26
CA ASP C 233 -2.88 -55.98 26.40
C ASP C 233 -3.20 -54.53 26.08
N PHE C 234 -2.86 -54.08 24.87
CA PHE C 234 -3.17 -52.71 24.48
C PHE C 234 -4.68 -52.49 24.47
N CYS C 235 -5.44 -53.44 23.94
CA CYS C 235 -6.90 -53.32 23.93
C CYS C 235 -7.44 -53.26 25.35
N LEU C 236 -6.93 -54.11 26.24
CA LEU C 236 -7.41 -54.11 27.62
C LEU C 236 -7.10 -52.79 28.31
N LYS C 237 -5.91 -52.23 28.08
CA LYS C 237 -5.54 -50.97 28.71
C LYS C 237 -6.29 -49.79 28.11
N ALA C 238 -6.69 -49.88 26.83
CA ALA C 238 -7.36 -48.78 26.17
C ALA C 238 -8.86 -48.76 26.46
N LEU C 239 -9.50 -49.93 26.51
CA LEU C 239 -10.95 -49.96 26.69
C LEU C 239 -11.38 -49.36 28.01
N GLY C 240 -10.49 -49.26 28.99
CA GLY C 240 -10.82 -48.66 30.27
C GLY C 240 -9.78 -47.70 30.78
N GLN C 241 -10.17 -46.43 30.96
CA GLN C 241 -9.24 -45.45 31.50
C GLN C 241 -8.97 -45.69 32.97
N GLU C 242 -10.00 -46.00 33.75
CA GLU C 242 -9.88 -46.26 35.18
C GLU C 242 -10.76 -47.45 35.54
N ALA C 243 -10.45 -48.04 36.70
CA ALA C 243 -11.21 -49.19 37.15
C ALA C 243 -12.68 -48.82 37.39
N ASP C 244 -12.92 -47.67 38.01
CA ASP C 244 -14.30 -47.24 38.23
C ASP C 244 -15.01 -46.93 36.91
N LYS C 245 -14.30 -46.35 35.94
CA LYS C 245 -14.92 -46.01 34.67
C LYS C 245 -15.40 -47.26 33.94
N GLY C 246 -14.60 -48.32 33.95
CA GLY C 246 -14.96 -49.55 33.26
C GLY C 246 -14.74 -49.43 31.77
N LEU C 247 -15.33 -50.38 31.04
CA LEU C 247 -15.19 -50.41 29.59
C LEU C 247 -15.86 -49.19 28.96
N SER C 248 -15.18 -48.61 27.98
CA SER C 248 -15.70 -47.44 27.29
C SER C 248 -15.05 -47.36 25.92
N GLY C 249 -15.72 -46.64 25.01
CA GLY C 249 -15.19 -46.45 23.68
C GLY C 249 -15.32 -47.71 22.83
N CYS C 250 -14.60 -47.71 21.71
CA CYS C 250 -14.63 -48.81 20.77
C CYS C 250 -13.22 -49.00 20.21
N GLY C 251 -13.10 -49.89 19.22
CA GLY C 251 -11.82 -50.14 18.59
C GLY C 251 -12.01 -50.70 17.20
N ILE C 252 -10.98 -50.52 16.38
CA ILE C 252 -11.02 -50.94 14.98
C ILE C 252 -9.64 -51.42 14.55
N VAL C 253 -9.62 -52.36 13.62
CA VAL C 253 -8.38 -52.90 13.06
C VAL C 253 -8.52 -52.96 11.55
N TYR C 254 -7.45 -52.65 10.85
CA TYR C 254 -7.41 -52.58 9.39
C TYR C 254 -6.57 -53.72 8.83
N CYS C 255 -6.76 -53.97 7.54
CA CYS C 255 -6.01 -55.02 6.84
C CYS C 255 -6.21 -54.82 5.35
N ARG C 256 -5.37 -55.50 4.57
CA ARG C 256 -5.45 -55.44 3.11
C ARG C 256 -6.24 -56.59 2.51
N THR C 257 -6.22 -57.77 3.15
CA THR C 257 -6.94 -58.94 2.66
C THR C 257 -8.04 -59.31 3.65
N ARG C 258 -9.21 -59.67 3.11
CA ARG C 258 -10.34 -60.00 3.96
C ARG C 258 -10.02 -61.19 4.87
N GLU C 259 -9.32 -62.19 4.34
CA GLU C 259 -8.95 -63.34 5.16
C GLU C 259 -8.08 -62.93 6.33
N ALA C 260 -7.20 -61.94 6.14
CA ALA C 260 -6.37 -61.47 7.24
C ALA C 260 -7.22 -60.89 8.36
N CYS C 261 -8.20 -60.06 8.02
CA CYS C 261 -9.09 -59.52 9.03
C CYS C 261 -9.91 -60.61 9.70
N GLU C 262 -10.36 -61.59 8.92
CA GLU C 262 -11.12 -62.70 9.51
C GLU C 262 -10.27 -63.45 10.53
N GLN C 263 -9.02 -63.73 10.18
CA GLN C 263 -8.12 -64.43 11.10
C GLN C 263 -7.86 -63.59 12.34
N LEU C 264 -7.64 -62.28 12.16
CA LEU C 264 -7.40 -61.40 13.30
C LEU C 264 -8.60 -61.38 14.24
N ALA C 265 -9.81 -61.29 13.67
CA ALA C 265 -11.02 -61.29 14.50
C ALA C 265 -11.18 -62.63 15.21
N ILE C 266 -10.88 -63.74 14.54
CA ILE C 266 -10.98 -65.04 15.18
C ILE C 266 -10.01 -65.12 16.35
N GLU C 267 -8.78 -64.66 16.15
CA GLU C 267 -7.80 -64.69 17.24
C GLU C 267 -8.24 -63.80 18.39
N LEU C 268 -8.77 -62.62 18.09
CA LEU C 268 -9.23 -61.72 19.14
C LEU C 268 -10.37 -62.35 19.94
N SER C 269 -11.32 -62.98 19.25
CA SER C 269 -12.41 -63.66 19.94
C SER C 269 -11.89 -64.81 20.79
N CYS C 270 -10.90 -65.56 20.28
CA CYS C 270 -10.32 -66.64 21.06
C CYS C 270 -9.66 -66.11 22.32
N ARG C 271 -8.99 -64.96 22.22
CA ARG C 271 -8.35 -64.36 23.39
C ARG C 271 -9.40 -64.02 24.45
N GLY C 272 -10.54 -63.49 24.04
CA GLY C 272 -11.59 -63.13 24.97
C GLY C 272 -12.29 -61.84 24.58
N VAL C 273 -11.59 -60.96 23.87
CA VAL C 273 -12.18 -59.71 23.43
C VAL C 273 -13.02 -59.95 22.18
N ASN C 274 -14.27 -59.50 22.21
CA ASN C 274 -15.15 -59.69 21.07
C ASN C 274 -14.69 -58.81 19.90
N ALA C 275 -14.70 -59.40 18.71
CA ALA C 275 -14.26 -58.69 17.51
C ALA C 275 -14.86 -59.38 16.28
N LYS C 276 -15.45 -58.60 15.39
CA LYS C 276 -16.03 -59.09 14.15
C LYS C 276 -15.18 -58.63 12.98
N ALA C 277 -15.03 -59.51 11.98
CA ALA C 277 -14.16 -59.21 10.85
C ALA C 277 -14.62 -57.94 10.14
N TYR C 278 -15.90 -57.88 9.77
CA TYR C 278 -16.45 -56.75 9.03
C TYR C 278 -15.70 -56.52 7.72
N HIS C 279 -15.25 -57.61 7.09
CA HIS C 279 -14.48 -57.51 5.87
C HIS C 279 -15.41 -57.33 4.66
N ALA C 280 -14.78 -57.05 3.50
CA ALA C 280 -15.56 -56.84 2.29
C ALA C 280 -16.33 -58.10 1.90
N GLY C 281 -15.72 -59.26 2.06
CA GLY C 281 -16.42 -60.50 1.73
C GLY C 281 -17.70 -60.67 2.51
N LEU C 282 -17.74 -60.18 3.74
CA LEU C 282 -18.97 -60.22 4.53
C LEU C 282 -20.07 -59.46 3.80
N LYS C 283 -21.26 -60.07 3.73
CA LYS C 283 -22.34 -59.48 2.97
C LYS C 283 -22.77 -58.14 3.57
N ALA C 284 -23.46 -57.35 2.74
CA ALA C 284 -23.77 -55.98 3.12
C ALA C 284 -24.57 -55.93 4.43
N SER C 285 -25.60 -56.77 4.54
CA SER C 285 -26.40 -56.78 5.76
C SER C 285 -25.54 -57.15 6.96
N GLU C 286 -24.71 -58.19 6.82
CA GLU C 286 -23.83 -58.58 7.91
C GLU C 286 -22.84 -57.48 8.23
N ARG C 287 -22.29 -56.81 7.22
CA ARG C 287 -21.33 -55.75 7.46
C ARG C 287 -21.95 -54.61 8.24
N THR C 288 -23.15 -54.17 7.83
CA THR C 288 -23.80 -53.07 8.54
C THR C 288 -24.19 -53.49 9.95
N LEU C 289 -24.64 -54.73 10.13
CA LEU C 289 -24.97 -55.20 11.47
C LEU C 289 -23.73 -55.19 12.36
N VAL C 290 -22.59 -55.63 11.83
CA VAL C 290 -21.35 -55.62 12.59
C VAL C 290 -20.95 -54.19 12.93
N GLN C 291 -21.11 -53.26 11.98
CA GLN C 291 -20.81 -51.87 12.26
C GLN C 291 -21.67 -51.33 13.38
N ASN C 292 -22.98 -51.62 13.33
CA ASN C 292 -23.87 -51.17 14.39
C ASN C 292 -23.48 -51.77 15.74
N ASP C 293 -23.14 -53.06 15.75
CA ASP C 293 -22.72 -53.69 17.00
C ASP C 293 -21.46 -53.03 17.55
N TRP C 294 -20.51 -52.73 16.67
CA TRP C 294 -19.28 -52.06 17.11
C TRP C 294 -19.55 -50.64 17.59
N MET C 295 -20.62 -50.02 17.09
CA MET C 295 -20.95 -48.65 17.50
C MET C 295 -21.21 -48.60 19.01
N GLU C 296 -21.95 -49.57 19.53
CA GLU C 296 -22.21 -49.65 20.95
C GLU C 296 -20.99 -50.23 21.67
N GLU C 297 -21.11 -50.38 22.98
CA GLU C 297 -20.03 -50.91 23.81
C GLU C 297 -20.07 -52.43 23.89
N LYS C 298 -20.99 -53.08 23.19
CA LYS C 298 -21.07 -54.54 23.25
C LYS C 298 -19.78 -55.18 22.75
N VAL C 299 -19.23 -54.66 21.66
CA VAL C 299 -17.99 -55.17 21.08
C VAL C 299 -16.86 -54.22 21.48
N PRO C 300 -15.96 -54.63 22.37
CA PRO C 300 -14.86 -53.71 22.75
C PRO C 300 -14.02 -53.27 21.56
N VAL C 301 -13.73 -54.17 20.62
CA VAL C 301 -12.99 -53.82 19.42
C VAL C 301 -13.46 -54.71 18.28
N ILE C 302 -14.00 -54.09 17.23
CA ILE C 302 -14.50 -54.81 16.06
C ILE C 302 -13.59 -54.47 14.88
N VAL C 303 -13.12 -55.50 14.17
CA VAL C 303 -12.24 -55.27 13.04
C VAL C 303 -13.00 -54.51 11.96
N ALA C 304 -12.38 -53.44 11.45
CA ALA C 304 -13.02 -52.58 10.47
C ALA C 304 -12.70 -53.00 9.04
N THR C 305 -11.48 -53.47 8.78
CA THR C 305 -11.08 -53.91 7.45
C THR C 305 -10.95 -52.70 6.53
N ILE C 306 -11.67 -52.69 5.41
CA ILE C 306 -11.50 -51.60 4.44
C ILE C 306 -12.04 -50.29 4.99
N SER C 307 -13.19 -50.33 5.66
CA SER C 307 -13.83 -49.12 6.16
C SER C 307 -14.30 -49.35 7.59
N PHE C 308 -14.59 -48.25 8.28
CA PHE C 308 -15.00 -48.27 9.68
C PHE C 308 -16.05 -49.36 9.93
N ASP C 313 -18.57 -43.85 10.42
CA ASP C 313 -17.55 -43.77 11.46
C ASP C 313 -18.18 -43.89 12.84
N LYS C 314 -17.39 -43.59 13.88
CA LYS C 314 -17.85 -43.67 15.25
C LYS C 314 -17.49 -42.37 15.97
N ALA C 315 -18.34 -41.97 16.91
CA ALA C 315 -18.13 -40.72 17.63
C ALA C 315 -16.84 -40.74 18.43
N ASN C 316 -16.60 -41.81 19.17
CA ASN C 316 -15.41 -41.94 20.00
C ASN C 316 -14.88 -43.36 19.91
N VAL C 317 -13.61 -43.49 19.52
CA VAL C 317 -12.93 -44.78 19.44
C VAL C 317 -11.62 -44.67 20.20
N ARG C 318 -11.35 -45.65 21.06
CA ARG C 318 -10.18 -45.56 21.93
C ARG C 318 -8.89 -45.69 21.14
N PHE C 319 -8.82 -46.67 20.24
CA PHE C 319 -7.58 -46.97 19.54
C PHE C 319 -7.90 -47.47 18.14
N VAL C 320 -6.87 -47.46 17.29
CA VAL C 320 -6.97 -47.98 15.94
C VAL C 320 -5.71 -48.78 15.63
N ALA C 321 -5.81 -50.11 15.73
CA ALA C 321 -4.66 -50.97 15.49
C ALA C 321 -4.45 -51.13 13.98
N HIS C 322 -3.21 -50.97 13.54
CA HIS C 322 -2.85 -51.11 12.13
C HIS C 322 -1.94 -52.33 12.00
N TRP C 323 -2.57 -53.50 11.85
CA TRP C 323 -1.80 -54.73 11.62
C TRP C 323 -1.00 -54.63 10.34
N ASN C 324 -1.60 -54.09 9.28
CA ASN C 324 -0.93 -53.84 8.02
C ASN C 324 -0.85 -52.33 7.80
N ILE C 325 0.35 -51.82 7.58
CA ILE C 325 0.52 -50.39 7.40
C ILE C 325 -0.32 -49.92 6.23
N ALA C 326 -0.85 -48.69 6.34
CA ALA C 326 -1.75 -48.15 5.34
C ALA C 326 -1.03 -47.93 4.02
N LYS C 327 -1.79 -47.63 2.96
CA LYS C 327 -1.20 -47.40 1.65
C LYS C 327 -0.56 -46.02 1.55
N SER C 328 -1.16 -45.01 2.18
CA SER C 328 -0.65 -43.65 2.15
C SER C 328 -0.58 -43.09 3.55
N MET C 329 0.47 -42.30 3.81
CA MET C 329 0.62 -41.69 5.13
C MET C 329 -0.56 -40.77 5.43
N ALA C 330 -0.99 -39.98 4.45
CA ALA C 330 -2.21 -39.19 4.63
C ALA C 330 -3.41 -40.08 4.87
N GLY C 331 -3.50 -41.19 4.13
CA GLY C 331 -4.55 -42.16 4.39
C GLY C 331 -4.50 -42.69 5.81
N TYR C 332 -3.29 -43.00 6.29
CA TYR C 332 -3.15 -43.48 7.66
C TYR C 332 -3.60 -42.43 8.66
N TYR C 333 -3.24 -41.16 8.43
CA TYR C 333 -3.68 -40.11 9.33
C TYR C 333 -5.19 -40.01 9.35
N GLN C 334 -5.83 -40.09 8.18
CA GLN C 334 -7.28 -40.03 8.13
C GLN C 334 -7.90 -41.22 8.86
N GLU C 335 -7.31 -42.41 8.72
CA GLU C 335 -7.80 -43.57 9.42
C GLU C 335 -7.69 -43.39 10.93
N SER C 336 -6.59 -42.77 11.38
CA SER C 336 -6.40 -42.54 12.81
C SER C 336 -7.24 -41.38 13.34
N GLY C 337 -7.70 -40.49 12.45
CA GLY C 337 -8.45 -39.33 12.91
C GLY C 337 -9.76 -39.72 13.57
N ARG C 338 -10.48 -40.67 12.97
CA ARG C 338 -11.72 -41.15 13.58
C ARG C 338 -11.46 -41.71 14.98
N ALA C 339 -10.27 -42.24 15.21
CA ALA C 339 -9.89 -42.70 16.54
C ALA C 339 -9.66 -41.50 17.44
N GLY C 340 -10.41 -41.42 18.54
CA GLY C 340 -10.31 -40.28 19.42
C GLY C 340 -10.90 -39.02 18.84
N ARG C 341 -11.85 -39.14 17.91
CA ARG C 341 -12.48 -37.97 17.31
C ARG C 341 -13.09 -37.07 18.38
N ASP C 342 -13.60 -37.65 19.45
CA ASP C 342 -14.18 -36.86 20.53
C ASP C 342 -13.08 -36.19 21.34
N GLY C 343 -13.48 -35.45 22.37
CA GLY C 343 -12.53 -34.76 23.21
C GLY C 343 -11.83 -35.63 24.24
N LYS C 344 -12.26 -36.89 24.38
CA LYS C 344 -11.65 -37.78 25.34
C LYS C 344 -10.28 -38.24 24.85
N PRO C 345 -9.32 -38.47 25.74
CA PRO C 345 -8.00 -38.94 25.30
C PRO C 345 -8.10 -40.29 24.60
N SER C 346 -7.20 -40.51 23.65
CA SER C 346 -7.15 -41.75 22.90
C SER C 346 -5.69 -42.14 22.67
N TRP C 347 -5.48 -43.41 22.34
CA TRP C 347 -4.15 -43.95 22.12
C TRP C 347 -4.14 -44.71 20.79
N CYS C 348 -3.26 -44.31 19.89
CA CYS C 348 -3.12 -44.95 18.58
C CYS C 348 -1.86 -45.79 18.58
N ARG C 349 -1.95 -46.98 17.98
CA ARG C 349 -0.85 -47.94 17.94
C ARG C 349 -0.71 -48.49 16.54
N LEU C 350 0.52 -48.56 16.05
CA LEU C 350 0.83 -49.18 14.77
C LEU C 350 1.50 -50.53 14.99
N TYR C 351 1.44 -51.37 13.95
CA TYR C 351 2.13 -52.66 13.93
C TYR C 351 2.92 -52.75 12.62
N TYR C 352 4.13 -52.21 12.64
CA TYR C 352 4.97 -52.19 11.44
C TYR C 352 5.87 -53.42 11.40
N SER C 353 5.93 -54.06 10.24
CA SER C 353 6.76 -55.24 10.04
C SER C 353 7.44 -55.15 8.69
N ARG C 354 8.64 -55.72 8.60
CA ARG C 354 9.39 -55.69 7.34
C ARG C 354 8.64 -56.42 6.24
N ASN C 355 8.08 -57.59 6.55
CA ASN C 355 7.35 -58.35 5.55
C ASN C 355 6.13 -57.57 5.05
N ASP C 356 5.36 -56.99 5.98
CA ASP C 356 4.20 -56.21 5.59
C ASP C 356 4.62 -54.98 4.78
N ARG C 357 5.70 -54.33 5.20
CA ARG C 357 6.18 -53.16 4.46
C ARG C 357 6.55 -53.53 3.04
N ASP C 358 7.28 -54.64 2.86
CA ASP C 358 7.65 -55.08 1.52
C ASP C 358 6.42 -55.43 0.70
N GLN C 359 5.45 -56.10 1.31
CA GLN C 359 4.24 -56.49 0.59
C GLN C 359 3.47 -55.25 0.11
N VAL C 360 3.30 -54.26 0.99
CA VAL C 360 2.55 -53.07 0.62
C VAL C 360 3.32 -52.28 -0.43
N SER C 361 4.66 -52.24 -0.32
CA SER C 361 5.44 -51.55 -1.33
C SER C 361 5.29 -52.22 -2.70
N PHE C 362 5.34 -53.56 -2.73
CA PHE C 362 5.17 -54.26 -4.00
C PHE C 362 3.78 -54.02 -4.57
N LEU C 363 2.75 -54.07 -3.74
CA LEU C 363 1.40 -53.82 -4.23
C LEU C 363 1.25 -52.41 -4.77
N ILE C 364 1.83 -51.42 -4.08
CA ILE C 364 1.75 -50.04 -4.54
C ILE C 364 2.48 -49.89 -5.87
N ARG C 365 3.65 -50.53 -6.00
CA ARG C 365 4.39 -50.45 -7.25
C ARG C 365 3.59 -51.09 -8.39
N LYS C 366 2.95 -52.23 -8.13
CA LYS C 366 2.14 -52.86 -9.16
C LYS C 366 0.98 -51.98 -9.56
N GLU C 367 0.31 -51.36 -8.58
CA GLU C 367 -0.80 -50.47 -8.89
C GLU C 367 -0.33 -49.27 -9.70
N VAL C 368 0.83 -48.71 -9.35
CA VAL C 368 1.36 -47.57 -10.08
C VAL C 368 1.68 -47.96 -11.51
N ALA C 369 2.29 -49.14 -11.70
CA ALA C 369 2.60 -49.60 -13.05
C ALA C 369 1.32 -49.80 -13.86
N LYS C 370 0.29 -50.40 -13.25
CA LYS C 370 -0.97 -50.59 -13.95
C LYS C 370 -1.59 -49.26 -14.34
N LEU C 371 -1.56 -48.28 -13.43
CA LEU C 371 -2.11 -46.97 -13.75
C LEU C 371 -1.33 -46.31 -14.88
N GLN C 372 0.00 -46.41 -14.86
CA GLN C 372 0.81 -45.84 -15.93
C GLN C 372 0.53 -46.51 -17.26
N GLU C 373 0.28 -47.82 -17.25
CA GLU C 373 -0.02 -48.53 -18.50
C GLU C 373 -1.29 -47.99 -19.14
N LYS C 374 -2.24 -47.53 -18.34
CA LYS C 374 -3.49 -46.99 -18.85
C LYS C 374 -3.41 -45.47 -18.99
N LYS C 378 1.05 -40.87 -14.36
CA LYS C 378 2.43 -41.05 -13.90
C LYS C 378 2.69 -40.23 -12.65
N ALA C 379 2.22 -38.98 -12.65
CA ALA C 379 2.41 -38.11 -11.49
C ALA C 379 1.68 -38.67 -10.28
N SER C 380 0.48 -39.21 -10.47
CA SER C 380 -0.26 -39.79 -9.34
C SER C 380 0.48 -40.99 -8.77
N ASP C 381 1.07 -41.82 -9.61
CA ASP C 381 1.84 -42.96 -9.13
C ASP C 381 3.02 -42.50 -8.29
N LYS C 382 3.73 -41.47 -8.75
CA LYS C 382 4.85 -40.94 -7.97
C LYS C 382 4.37 -40.35 -6.66
N ALA C 383 3.22 -39.66 -6.66
CA ALA C 383 2.71 -39.07 -5.44
C ALA C 383 2.34 -40.14 -4.42
N THR C 384 1.67 -41.20 -4.87
CA THR C 384 1.30 -42.26 -3.93
C THR C 384 2.53 -43.02 -3.44
N ILE C 385 3.54 -43.20 -4.30
CA ILE C 385 4.78 -43.82 -3.86
C ILE C 385 5.45 -42.96 -2.80
N MET C 386 5.44 -41.64 -3.00
CA MET C 386 6.02 -40.73 -2.01
C MET C 386 5.25 -40.79 -0.69
N ALA C 387 3.92 -40.87 -0.77
CA ALA C 387 3.12 -41.00 0.44
C ALA C 387 3.45 -42.29 1.18
N PHE C 388 3.58 -43.40 0.45
CA PHE C 388 3.96 -44.66 1.08
C PHE C 388 5.33 -44.57 1.72
N ASP C 389 6.28 -43.93 1.04
CA ASP C 389 7.62 -43.77 1.60
C ASP C 389 7.58 -42.91 2.87
N ALA C 390 6.75 -41.86 2.87
CA ALA C 390 6.62 -41.03 4.06
C ALA C 390 6.03 -41.82 5.21
N LEU C 391 5.04 -42.66 4.93
CA LEU C 391 4.47 -43.52 5.97
C LEU C 391 5.52 -44.48 6.51
N VAL C 392 6.34 -45.05 5.62
CA VAL C 392 7.40 -45.96 6.05
C VAL C 392 8.40 -45.23 6.95
N THR C 393 8.77 -44.00 6.55
CA THR C 393 9.69 -43.21 7.36
C THR C 393 9.08 -42.92 8.73
N PHE C 394 7.80 -42.55 8.75
CA PHE C 394 7.11 -42.33 10.03
C PHE C 394 7.20 -43.59 10.90
N CYS C 395 6.99 -44.75 10.29
CA CYS C 395 7.08 -46.00 11.04
C CYS C 395 8.49 -46.19 11.59
N GLU C 396 9.51 -45.90 10.78
CA GLU C 396 10.89 -46.09 11.17
C GLU C 396 11.54 -44.84 11.76
N GLU C 397 10.87 -43.69 11.71
CA GLU C 397 11.45 -42.47 12.23
C GLU C 397 11.55 -42.56 13.75
N LEU C 398 12.76 -42.37 14.28
CA LEU C 398 13.00 -42.42 15.71
C LEU C 398 12.95 -41.00 16.29
N GLY C 399 11.73 -40.48 16.35
CA GLY C 399 11.54 -39.14 16.85
C GLY C 399 10.09 -38.87 17.14
N CYS C 400 9.79 -37.61 17.44
CA CYS C 400 8.43 -37.20 17.75
C CYS C 400 7.49 -37.56 16.60
N ARG C 401 6.48 -38.36 16.90
CA ARG C 401 5.56 -38.81 15.86
C ARG C 401 4.75 -37.65 15.29
N HIS C 402 4.18 -36.83 16.17
CA HIS C 402 3.45 -35.65 15.71
C HIS C 402 4.34 -34.73 14.89
N ALA C 403 5.64 -34.67 15.22
CA ALA C 403 6.55 -33.87 14.42
C ALA C 403 6.62 -34.39 12.99
N ALA C 404 6.73 -35.71 12.82
CA ALA C 404 6.77 -36.28 11.48
C ALA C 404 5.46 -36.05 10.74
N ILE C 405 4.34 -36.19 11.45
CA ILE C 405 3.04 -35.95 10.82
C ILE C 405 2.97 -34.52 10.32
N ALA C 406 3.38 -33.56 11.15
CA ALA C 406 3.36 -32.16 10.76
C ALA C 406 4.29 -31.92 9.58
N LYS C 407 5.47 -32.54 9.60
CA LYS C 407 6.42 -32.36 8.51
C LYS C 407 5.85 -32.83 7.19
N TYR C 408 5.18 -34.00 7.19
CA TYR C 408 4.65 -34.52 5.94
C TYR C 408 3.46 -33.71 5.46
N PHE C 409 2.57 -33.34 6.39
CA PHE C 409 1.45 -32.46 6.08
C PHE C 409 1.85 -30.99 6.05
N GLY C 410 3.05 -30.64 6.50
CA GLY C 410 3.53 -29.29 6.38
C GLY C 410 2.92 -28.29 7.33
N ASP C 411 2.14 -28.75 8.32
CA ASP C 411 1.59 -27.85 9.31
C ASP C 411 2.62 -27.56 10.39
N ALA C 412 2.30 -26.60 11.25
CA ALA C 412 3.24 -26.17 12.28
C ALA C 412 3.64 -27.35 13.16
N LEU C 413 4.92 -27.37 13.54
CA LEU C 413 5.43 -28.44 14.37
C LEU C 413 4.71 -28.44 15.71
N PRO C 414 4.66 -29.60 16.38
CA PRO C 414 3.91 -29.69 17.64
C PRO C 414 4.76 -29.34 18.85
N ALA C 415 4.05 -29.11 19.96
CA ALA C 415 4.69 -28.87 21.26
C ALA C 415 4.11 -29.83 22.28
N CYS C 416 4.03 -31.11 21.93
CA CYS C 416 3.41 -32.11 22.79
C CYS C 416 4.31 -32.45 23.97
N ALA C 417 4.11 -31.75 25.09
CA ALA C 417 4.85 -32.09 26.30
C ALA C 417 4.50 -33.48 26.81
N LYS C 418 3.23 -33.86 26.69
CA LYS C 418 2.77 -35.18 27.09
C LYS C 418 1.88 -35.74 25.99
N GLY C 419 1.78 -37.07 25.96
CA GLY C 419 0.98 -37.74 24.94
C GLY C 419 1.74 -38.10 23.68
N CYS C 420 3.06 -38.10 23.72
CA CYS C 420 3.88 -38.51 22.59
C CYS C 420 4.93 -39.50 23.06
N ASP C 421 4.96 -40.67 22.43
CA ASP C 421 5.87 -41.72 22.87
C ASP C 421 7.32 -41.26 22.81
N HIS C 422 7.73 -40.69 21.67
CA HIS C 422 9.12 -40.28 21.52
C HIS C 422 9.49 -39.20 22.53
N CYS C 423 8.62 -38.20 22.69
CA CYS C 423 8.92 -37.12 23.63
C CYS C 423 8.83 -37.57 25.08
N GLN C 424 8.06 -38.62 25.38
CA GLN C 424 7.92 -39.08 26.75
C GLN C 424 9.14 -39.89 27.20
N ASN C 425 9.49 -40.94 26.45
CA ASN C 425 10.61 -41.80 26.77
C ASN C 425 11.48 -41.97 25.52
N PRO C 426 12.23 -40.94 25.15
CA PRO C 426 13.09 -41.06 23.97
C PRO C 426 14.12 -42.18 24.08
N THR C 427 14.58 -42.48 25.29
CA THR C 427 15.52 -43.58 25.46
C THR C 427 14.90 -44.90 25.03
N ALA C 428 13.62 -45.12 25.37
CA ALA C 428 12.93 -46.32 24.93
C ALA C 428 12.81 -46.37 23.41
N VAL C 429 12.57 -45.22 22.78
CA VAL C 429 12.49 -45.17 21.33
C VAL C 429 13.84 -45.55 20.72
N ARG C 430 14.92 -45.02 21.29
CA ARG C 430 16.24 -45.38 20.79
C ARG C 430 16.51 -46.86 20.98
N ARG C 431 16.10 -47.43 22.12
CA ARG C 431 16.29 -48.85 22.34
C ARG C 431 15.51 -49.68 21.33
N ARG C 432 14.27 -49.29 21.03
CA ARG C 432 13.49 -50.00 20.02
C ARG C 432 14.13 -49.89 18.65
N LEU C 433 14.63 -48.71 18.30
CA LEU C 433 15.30 -48.54 17.01
C LEU C 433 16.54 -49.42 16.92
N GLU C 434 17.33 -49.47 17.99
CA GLU C 434 18.52 -50.33 17.99
C GLU C 434 18.13 -51.80 17.88
N ALA C 435 17.06 -52.20 18.57
CA ALA C 435 16.60 -53.58 18.47
C ALA C 435 16.17 -53.91 17.03
N LEU C 436 15.45 -52.99 16.38
CA LEU C 436 15.07 -53.21 15.00
C LEU C 436 16.29 -53.32 14.11
N GLU C 437 17.27 -52.44 14.31
CA GLU C 437 18.48 -52.49 13.49
C GLU C 437 19.20 -53.82 13.68
N ARG C 438 19.31 -54.29 14.92
CA ARG C 438 19.94 -55.59 15.17
C ARG C 438 19.16 -56.72 14.52
N SER C 439 17.83 -56.67 14.60
CA SER C 439 17.01 -57.71 13.97
C SER C 439 17.07 -57.63 12.45
N SER C 440 16.99 -56.41 11.91
CA SER C 440 17.01 -56.22 10.47
C SER C 440 18.44 -56.06 9.96
N PRO D 1 -15.51 7.50 -9.13
CA PRO D 1 -15.12 7.59 -10.54
C PRO D 1 -15.41 8.97 -11.15
N GLU D 2 -14.87 9.23 -12.34
CA GLU D 2 -15.08 10.52 -12.97
C GLU D 2 -16.54 10.78 -13.24
N ARG D 3 -17.33 9.72 -13.53
CA ARG D 3 -18.75 9.91 -13.77
C ARG D 3 -19.44 10.49 -12.54
N ARG D 4 -19.11 9.97 -11.36
CA ARG D 4 -19.70 10.50 -10.13
C ARG D 4 -19.28 11.95 -9.92
N VAL D 5 -18.02 12.28 -10.22
CA VAL D 5 -17.54 13.64 -10.05
C VAL D 5 -18.32 14.59 -10.95
N ARG D 6 -18.52 14.19 -12.22
CA ARG D 6 -19.28 15.03 -13.14
C ARG D 6 -20.74 15.15 -12.71
N SER D 7 -21.33 14.06 -12.22
CA SER D 7 -22.71 14.12 -11.76
C SER D 7 -22.85 15.09 -10.60
N THR D 8 -21.92 15.02 -9.64
CA THR D 8 -21.96 15.95 -8.51
C THR D 8 -21.76 17.38 -8.99
N LEU D 9 -20.81 17.59 -9.90
CA LEU D 9 -20.57 18.92 -10.45
C LEU D 9 -21.84 19.50 -11.05
N LYS D 10 -22.53 18.70 -11.87
CA LYS D 10 -23.82 19.14 -12.42
C LYS D 10 -24.87 19.31 -11.34
N LYS D 11 -24.74 18.62 -10.21
CA LYS D 11 -25.74 18.70 -9.16
C LYS D 11 -25.52 19.93 -8.28
N VAL D 12 -24.37 20.00 -7.61
CA VAL D 12 -24.12 21.10 -6.68
C VAL D 12 -23.51 22.31 -7.39
N PHE D 13 -22.70 22.09 -8.41
CA PHE D 13 -22.02 23.18 -9.11
C PHE D 13 -22.79 23.68 -10.33
N GLY D 14 -23.56 22.82 -10.98
CA GLY D 14 -24.26 23.22 -12.17
C GLY D 14 -23.36 23.47 -13.36
N PHE D 15 -22.12 22.97 -13.31
CA PHE D 15 -21.15 23.14 -14.39
C PHE D 15 -20.99 21.84 -15.15
N ASP D 16 -20.73 21.95 -16.45
CA ASP D 16 -20.48 20.77 -17.27
C ASP D 16 -19.14 20.13 -16.94
N SER D 17 -18.12 20.95 -16.69
CA SER D 17 -16.79 20.44 -16.37
C SER D 17 -16.07 21.47 -15.52
N PHE D 18 -14.97 21.03 -14.89
CA PHE D 18 -14.20 21.92 -14.04
C PHE D 18 -13.68 23.11 -14.85
N LYS D 19 -13.71 24.29 -14.23
CA LYS D 19 -13.30 25.50 -14.92
C LYS D 19 -11.83 25.43 -15.34
N THR D 20 -10.98 24.89 -14.47
CA THR D 20 -9.56 24.79 -14.73
C THR D 20 -9.12 23.33 -14.70
N PRO D 21 -8.35 22.86 -15.67
CA PRO D 21 -7.91 21.46 -15.63
C PRO D 21 -7.12 21.12 -14.38
N LEU D 22 -6.32 22.08 -13.88
CA LEU D 22 -5.64 21.87 -12.61
C LEU D 22 -6.65 21.67 -11.49
N GLN D 23 -7.74 22.44 -11.50
CA GLN D 23 -8.80 22.24 -10.51
C GLN D 23 -9.40 20.86 -10.62
N GLU D 24 -9.62 20.38 -11.84
CA GLU D 24 -10.15 19.03 -12.04
C GLU D 24 -9.20 17.98 -11.47
N SER D 25 -7.90 18.13 -11.74
CA SER D 25 -6.93 17.18 -11.21
C SER D 25 -6.91 17.21 -9.69
N ALA D 26 -6.94 18.40 -9.10
CA ALA D 26 -6.94 18.50 -7.64
C ALA D 26 -8.19 17.86 -7.04
N THR D 27 -9.35 18.10 -7.66
CA THR D 27 -10.58 17.49 -7.17
C THR D 27 -10.53 15.97 -7.28
N MET D 28 -9.98 15.46 -8.39
CA MET D 28 -9.84 14.02 -8.54
C MET D 28 -8.93 13.44 -7.47
N ALA D 29 -7.81 14.12 -7.20
CA ALA D 29 -6.90 13.65 -6.17
C ALA D 29 -7.57 13.66 -4.79
N VAL D 30 -8.33 14.71 -4.50
CA VAL D 30 -9.03 14.77 -3.21
C VAL D 30 -10.05 13.65 -3.11
N VAL D 31 -10.80 13.40 -4.18
CA VAL D 31 -11.77 12.31 -4.17
C VAL D 31 -11.07 10.98 -3.93
N LYS D 32 -9.93 10.77 -4.58
CA LYS D 32 -9.18 9.53 -4.38
C LYS D 32 -8.77 9.37 -2.93
N GLY D 33 -8.31 10.44 -2.30
CA GLY D 33 -7.95 10.39 -0.90
C GLY D 33 -6.78 9.50 -0.59
N ASN D 34 -5.95 9.17 -1.59
CA ASN D 34 -4.80 8.32 -1.33
C ASN D 34 -3.79 9.01 -0.42
N LYS D 35 -3.73 10.33 -0.43
CA LYS D 35 -2.83 11.07 0.44
C LYS D 35 -3.28 12.52 0.48
N ASP D 36 -2.63 13.30 1.34
CA ASP D 36 -2.96 14.71 1.48
C ASP D 36 -2.69 15.44 0.17
N VAL D 37 -3.32 16.60 0.04
CA VAL D 37 -3.19 17.44 -1.15
C VAL D 37 -3.09 18.90 -0.73
N PHE D 38 -2.23 19.64 -1.42
CA PHE D 38 -2.09 21.07 -1.22
C PHE D 38 -2.47 21.78 -2.51
N VAL D 39 -3.20 22.88 -2.39
CA VAL D 39 -3.77 23.59 -3.52
C VAL D 39 -3.64 25.09 -3.31
N CYS D 40 -3.37 25.81 -4.39
CA CYS D 40 -3.25 27.26 -4.33
C CYS D 40 -3.71 27.84 -5.66
N MET D 41 -4.87 28.48 -5.65
CA MET D 41 -5.42 29.16 -6.82
C MET D 41 -5.81 30.58 -6.43
N PRO D 42 -5.92 31.49 -7.40
CA PRO D 42 -6.36 32.85 -7.07
C PRO D 42 -7.84 32.91 -6.74
N THR D 43 -8.32 34.08 -6.32
CA THR D 43 -9.71 34.23 -5.97
C THR D 43 -10.61 33.93 -7.17
N GLY D 44 -11.72 33.25 -6.91
CA GLY D 44 -12.65 32.90 -7.96
C GLY D 44 -12.23 31.73 -8.83
N ALA D 45 -11.17 31.02 -8.45
CA ALA D 45 -10.71 29.89 -9.26
C ALA D 45 -11.60 28.67 -9.10
N GLY D 46 -12.19 28.48 -7.92
CA GLY D 46 -13.09 27.36 -7.69
C GLY D 46 -12.60 26.40 -6.63
N LYS D 47 -11.64 26.82 -5.82
CA LYS D 47 -11.16 25.96 -4.74
C LYS D 47 -12.30 25.56 -3.82
N SER D 48 -13.28 26.45 -3.63
CA SER D 48 -14.47 26.10 -2.87
C SER D 48 -15.10 24.84 -3.42
N LEU D 49 -15.35 24.83 -4.73
CA LEU D 49 -15.85 23.63 -5.38
C LEU D 49 -14.87 22.47 -5.22
N CYS D 50 -13.57 22.77 -5.31
CA CYS D 50 -12.56 21.71 -5.27
C CYS D 50 -12.65 20.92 -3.97
N TYR D 51 -12.79 21.60 -2.83
CA TYR D 51 -12.88 20.91 -1.55
C TYR D 51 -14.30 20.63 -1.11
N GLN D 52 -15.30 21.09 -1.87
CA GLN D 52 -16.69 20.76 -1.55
C GLN D 52 -17.15 19.49 -2.26
N LEU D 53 -16.74 19.30 -3.51
CA LEU D 53 -17.18 18.12 -4.26
C LEU D 53 -16.76 16.82 -3.58
N PRO D 54 -15.48 16.60 -3.22
CA PRO D 54 -15.13 15.34 -2.57
C PRO D 54 -15.84 15.13 -1.25
N ALA D 55 -16.11 16.19 -0.49
CA ALA D 55 -16.82 16.04 0.77
C ALA D 55 -18.21 15.44 0.54
N LEU D 56 -18.93 15.93 -0.47
CA LEU D 56 -20.22 15.34 -0.79
C LEU D 56 -20.06 13.93 -1.33
N LEU D 57 -19.06 13.72 -2.20
CA LEU D 57 -18.85 12.39 -2.76
C LEU D 57 -18.44 11.40 -1.67
N ALA D 58 -17.58 11.83 -0.75
CA ALA D 58 -17.13 10.94 0.31
C ALA D 58 -18.30 10.52 1.19
N LYS D 59 -18.32 9.23 1.55
CA LYS D 59 -19.37 8.72 2.42
C LYS D 59 -19.31 9.34 3.81
N GLY D 60 -18.11 9.61 4.32
CA GLY D 60 -17.96 10.16 5.65
C GLY D 60 -18.09 11.67 5.68
N ILE D 61 -18.05 12.21 6.89
CA ILE D 61 -18.18 13.65 7.09
C ILE D 61 -16.83 14.31 6.83
N THR D 62 -16.88 15.48 6.20
CA THR D 62 -15.70 16.30 5.97
C THR D 62 -15.71 17.48 6.93
N ILE D 63 -14.52 17.83 7.43
CA ILE D 63 -14.37 18.91 8.41
C ILE D 63 -13.55 20.01 7.75
N VAL D 64 -14.15 21.17 7.56
CA VAL D 64 -13.49 22.32 6.94
C VAL D 64 -13.21 23.37 8.01
N VAL D 65 -12.02 23.97 7.93
CA VAL D 65 -11.58 24.98 8.89
C VAL D 65 -11.21 26.23 8.12
N SER D 66 -11.81 27.35 8.48
CA SER D 66 -11.52 28.65 7.88
C SER D 66 -11.31 29.67 8.98
N PRO D 67 -10.41 30.64 8.78
CA PRO D 67 -10.06 31.54 9.88
C PRO D 67 -11.18 32.50 10.25
N LEU D 68 -11.72 33.21 9.27
CA LEU D 68 -12.72 34.24 9.54
C LEU D 68 -14.11 33.63 9.52
N ILE D 69 -14.89 33.90 10.57
CA ILE D 69 -16.22 33.34 10.68
C ILE D 69 -17.13 33.89 9.59
N ALA D 70 -16.88 35.12 9.12
CA ALA D 70 -17.68 35.66 8.04
C ALA D 70 -17.53 34.82 6.78
N LEU D 71 -16.30 34.40 6.47
CA LEU D 71 -16.09 33.51 5.33
C LEU D 71 -16.80 32.17 5.55
N ILE D 72 -16.79 31.69 6.79
CA ILE D 72 -17.49 30.44 7.09
C ILE D 72 -18.98 30.58 6.79
N GLN D 73 -19.56 31.70 7.21
CA GLN D 73 -20.98 31.93 6.95
C GLN D 73 -21.25 32.06 5.46
N ASP D 74 -20.37 32.75 4.74
CA ASP D 74 -20.54 32.90 3.29
C ASP D 74 -20.53 31.53 2.60
N GLN D 75 -19.56 30.69 2.96
CA GLN D 75 -19.49 29.35 2.37
C GLN D 75 -20.69 28.51 2.77
N VAL D 76 -21.15 28.65 4.01
CA VAL D 76 -22.33 27.90 4.46
C VAL D 76 -23.54 28.30 3.63
N ASP D 77 -23.72 29.60 3.40
CA ASP D 77 -24.83 30.06 2.57
C ASP D 77 -24.69 29.56 1.14
N HIS D 78 -23.47 29.59 0.59
CA HIS D 78 -23.27 29.13 -0.78
C HIS D 78 -23.57 27.65 -0.91
N LEU D 79 -23.26 26.85 0.10
CA LEU D 79 -23.62 25.44 0.08
C LEU D 79 -25.11 25.23 0.29
N LEU D 80 -25.73 26.06 1.13
CA LEU D 80 -27.17 25.94 1.37
C LEU D 80 -27.96 26.18 0.09
N THR D 81 -27.62 27.25 -0.64
CA THR D 81 -28.28 27.50 -1.91
C THR D 81 -28.01 26.39 -2.92
N LEU D 82 -26.97 25.60 -2.70
CA LEU D 82 -26.65 24.45 -3.53
C LEU D 82 -27.24 23.19 -2.89
N LYS D 83 -26.94 22.03 -3.49
CA LYS D 83 -27.48 20.77 -3.01
C LYS D 83 -26.72 20.22 -1.82
N VAL D 84 -25.43 20.54 -1.70
CA VAL D 84 -24.61 19.98 -0.63
C VAL D 84 -25.09 20.49 0.72
N ARG D 85 -25.20 19.58 1.68
CA ARG D 85 -25.56 19.95 3.05
C ARG D 85 -24.35 20.55 3.75
N VAL D 86 -24.61 21.53 4.62
CA VAL D 86 -23.55 22.25 5.31
C VAL D 86 -24.09 22.73 6.64
N SER D 87 -23.18 22.89 7.60
CA SER D 87 -23.53 23.37 8.93
C SER D 87 -22.40 24.24 9.45
N SER D 88 -22.73 25.10 10.43
CA SER D 88 -21.78 26.02 11.02
C SER D 88 -21.74 25.81 12.51
N LEU D 89 -20.52 25.84 13.07
CA LEU D 89 -20.30 25.68 14.51
C LEU D 89 -19.94 27.00 15.16
N ASN D 90 -20.44 28.11 14.63
CA ASN D 90 -20.11 29.41 15.17
C ASN D 90 -20.63 29.55 16.59
N SER D 91 -19.81 30.16 17.46
CA SER D 91 -20.25 30.44 18.82
C SER D 91 -21.37 31.46 18.85
N LYS D 92 -21.41 32.36 17.86
CA LYS D 92 -22.47 33.36 17.80
C LYS D 92 -23.83 32.72 17.51
N LEU D 93 -23.84 31.46 17.05
CA LEU D 93 -25.11 30.79 16.79
C LEU D 93 -25.89 30.62 18.08
N SER D 94 -27.22 30.59 17.95
CA SER D 94 -28.08 30.47 19.12
C SER D 94 -27.79 29.17 19.86
N ALA D 95 -27.96 29.22 21.18
CA ALA D 95 -27.68 28.04 22.00
C ALA D 95 -28.45 26.83 21.49
N GLN D 96 -29.70 27.03 21.07
CA GLN D 96 -30.45 25.91 20.49
C GLN D 96 -29.80 25.42 19.22
N GLU D 97 -29.35 26.33 18.35
CA GLU D 97 -28.69 25.93 17.11
C GLU D 97 -27.38 25.21 17.41
N ARG D 98 -26.61 25.71 18.36
CA ARG D 98 -25.36 25.04 18.71
C ARG D 98 -25.61 23.65 19.26
N LYS D 99 -26.63 23.50 20.11
CA LYS D 99 -26.97 22.19 20.65
C LYS D 99 -27.41 21.24 19.55
N GLU D 100 -28.22 21.75 18.61
CA GLU D 100 -28.66 20.91 17.49
C GLU D 100 -27.47 20.45 16.65
N LEU D 101 -26.54 21.36 16.36
CA LEU D 101 -25.36 20.98 15.59
C LEU D 101 -24.51 19.96 16.35
N LEU D 102 -24.34 20.16 17.65
CA LEU D 102 -23.55 19.21 18.43
C LEU D 102 -24.21 17.83 18.45
N ALA D 103 -25.54 17.79 18.60
CA ALA D 103 -26.25 16.52 18.58
C ALA D 103 -26.13 15.84 17.22
N ASP D 104 -26.25 16.61 16.13
CA ASP D 104 -26.12 16.04 14.80
C ASP D 104 -24.72 15.47 14.59
N LEU D 105 -23.69 16.18 15.04
CA LEU D 105 -22.34 15.68 14.91
C LEU D 105 -22.13 14.42 15.75
N GLU D 106 -22.68 14.40 16.96
CA GLU D 106 -22.52 13.24 17.83
C GLU D 106 -23.29 12.03 17.31
N ARG D 107 -24.47 12.26 16.73
CA ARG D 107 -25.27 11.16 16.23
C ARG D 107 -24.53 10.41 15.13
N GLU D 108 -24.60 9.08 15.19
CA GLU D 108 -23.93 8.27 14.19
C GLU D 108 -24.49 8.55 12.81
N LYS D 109 -23.60 8.57 11.82
CA LYS D 109 -23.98 8.87 10.44
C LYS D 109 -24.70 10.21 10.37
N PRO D 110 -24.03 11.30 10.77
CA PRO D 110 -24.70 12.61 10.75
C PRO D 110 -25.15 12.98 9.34
N GLN D 111 -26.30 13.65 9.26
CA GLN D 111 -26.84 14.06 7.97
C GLN D 111 -25.93 15.05 7.25
N THR D 112 -25.18 15.85 8.00
CA THR D 112 -24.31 16.84 7.40
C THR D 112 -23.21 16.17 6.59
N LYS D 113 -22.87 16.77 5.46
CA LYS D 113 -21.80 16.28 4.60
C LYS D 113 -20.50 17.04 4.80
N ILE D 114 -20.56 18.36 4.99
CA ILE D 114 -19.40 19.19 5.28
C ILE D 114 -19.72 20.05 6.48
N LEU D 115 -18.82 20.08 7.46
CA LEU D 115 -19.03 20.79 8.71
C LEU D 115 -17.89 21.79 8.89
N TYR D 116 -18.24 23.05 9.07
CA TYR D 116 -17.27 24.12 9.24
C TYR D 116 -17.10 24.46 10.71
N ILE D 117 -15.85 24.65 11.13
CA ILE D 117 -15.54 25.01 12.50
C ILE D 117 -14.38 25.99 12.51
N THR D 118 -14.57 27.17 13.10
CA THR D 118 -13.51 28.14 13.18
C THR D 118 -12.37 27.61 14.04
N PRO D 119 -11.13 27.98 13.73
CA PRO D 119 -9.99 27.43 14.50
C PRO D 119 -10.12 27.63 16.00
N GLU D 120 -10.64 28.78 16.44
CA GLU D 120 -10.78 29.01 17.88
C GLU D 120 -11.71 28.00 18.50
N MET D 121 -12.82 27.69 17.83
CA MET D 121 -13.74 26.66 18.34
C MET D 121 -13.17 25.26 18.16
N ALA D 122 -12.41 25.04 17.10
CA ALA D 122 -11.78 23.73 16.91
C ALA D 122 -10.83 23.42 18.06
N ALA D 123 -10.08 24.43 18.52
CA ALA D 123 -9.19 24.26 19.65
C ALA D 123 -9.91 24.30 20.99
N SER D 124 -11.17 24.72 21.02
CA SER D 124 -11.91 24.80 22.26
C SER D 124 -12.22 23.40 22.79
N SER D 125 -12.38 23.31 24.11
CA SER D 125 -12.66 22.02 24.73
C SER D 125 -14.05 21.52 24.39
N SER D 126 -14.98 22.43 24.07
CA SER D 126 -16.33 22.01 23.75
C SER D 126 -16.35 21.12 22.51
N PHE D 127 -15.54 21.45 21.51
CA PHE D 127 -15.45 20.66 20.29
C PHE D 127 -14.60 19.41 20.45
N GLN D 128 -13.95 19.23 21.59
CA GLN D 128 -13.04 18.11 21.81
C GLN D 128 -13.80 16.78 21.91
N PRO D 129 -14.80 16.66 22.79
CA PRO D 129 -15.51 15.37 22.87
C PRO D 129 -16.18 14.97 21.56
N THR D 130 -16.68 15.94 20.80
CA THR D 130 -17.29 15.64 19.51
C THR D 130 -16.25 15.05 18.55
N LEU D 131 -15.06 15.64 18.52
CA LEU D 131 -14.00 15.12 17.66
C LEU D 131 -13.58 13.73 18.13
N ASN D 132 -13.52 13.52 19.44
CA ASN D 132 -13.17 12.20 19.97
C ASN D 132 -14.19 11.16 19.50
N SER D 133 -15.47 11.49 19.58
CA SER D 133 -16.50 10.56 19.13
C SER D 133 -16.38 10.30 17.63
N LEU D 134 -16.16 11.35 16.84
CA LEU D 134 -16.03 11.16 15.39
C LEU D 134 -14.85 10.26 15.05
N VAL D 135 -13.70 10.49 15.69
CA VAL D 135 -12.53 9.67 15.39
C VAL D 135 -12.74 8.25 15.87
N SER D 136 -13.43 8.06 17.00
CA SER D 136 -13.73 6.72 17.46
C SER D 136 -14.62 5.99 16.45
N ARG D 137 -15.60 6.69 15.89
CA ARG D 137 -16.47 6.13 14.86
C ARG D 137 -15.89 6.27 13.47
N HIS D 138 -14.70 6.85 13.34
CA HIS D 138 -14.04 7.04 12.04
C HIS D 138 -15.00 7.65 11.01
N LEU D 139 -15.92 8.48 11.49
CA LEU D 139 -16.86 9.13 10.58
C LEU D 139 -16.18 10.19 9.72
N LEU D 140 -15.17 10.87 10.26
CA LEU D 140 -14.47 11.89 9.51
C LEU D 140 -13.82 11.29 8.27
N SER D 141 -13.99 11.96 7.14
CA SER D 141 -13.44 11.50 5.86
C SER D 141 -12.29 12.36 5.37
N TYR D 142 -12.46 13.68 5.36
CA TYR D 142 -11.42 14.59 4.90
C TYR D 142 -11.35 15.79 5.83
N LEU D 143 -10.15 16.39 5.90
CA LEU D 143 -9.92 17.58 6.71
C LEU D 143 -9.42 18.68 5.78
N VAL D 144 -10.27 19.63 5.47
CA VAL D 144 -9.93 20.75 4.61
C VAL D 144 -9.51 21.93 5.48
N VAL D 145 -8.35 22.50 5.18
CA VAL D 145 -7.84 23.68 5.87
C VAL D 145 -7.80 24.79 4.85
N ASP D 146 -8.84 25.61 4.80
CA ASP D 146 -8.90 26.74 3.90
C ASP D 146 -8.04 27.88 4.42
N GLU D 147 -7.53 28.70 3.51
CA GLU D 147 -6.59 29.76 3.85
C GLU D 147 -5.46 29.22 4.71
N ALA D 148 -4.88 28.09 4.27
CA ALA D 148 -3.84 27.44 5.03
C ALA D 148 -2.60 28.32 5.19
N HIS D 149 -2.47 29.36 4.37
CA HIS D 149 -1.30 30.23 4.48
C HIS D 149 -1.26 30.97 5.82
N CYS D 150 -2.38 31.01 6.55
CA CYS D 150 -2.39 31.70 7.83
C CYS D 150 -1.46 31.05 8.83
N VAL D 151 -1.20 29.74 8.69
CA VAL D 151 -0.28 29.08 9.61
C VAL D 151 1.12 29.65 9.47
N SER D 152 1.55 29.90 8.24
CA SER D 152 2.89 30.43 7.98
C SER D 152 2.88 31.93 8.27
N GLN D 153 3.63 32.35 9.29
CA GLN D 153 3.70 33.76 9.61
C GLN D 153 4.26 34.58 8.45
N TRP D 154 5.00 33.94 7.54
CA TRP D 154 5.54 34.64 6.38
C TRP D 154 4.48 34.99 5.35
N GLY D 155 3.34 34.32 5.36
CA GLY D 155 2.29 34.58 4.40
C GLY D 155 1.66 35.94 4.58
N HIS D 156 0.74 36.30 3.68
CA HIS D 156 0.08 37.60 3.76
C HIS D 156 -0.65 37.75 5.09
N ASP D 157 -1.48 36.77 5.43
CA ASP D 157 -2.22 36.76 6.68
C ASP D 157 -1.70 35.66 7.60
N PHE D 158 -1.98 35.81 8.89
CA PHE D 158 -1.52 34.86 9.89
C PHE D 158 -2.61 34.60 10.90
N ARG D 159 -2.62 33.39 11.45
CA ARG D 159 -3.59 33.01 12.48
C ARG D 159 -2.89 32.13 13.51
N PRO D 160 -2.80 32.56 14.77
CA PRO D 160 -2.09 31.73 15.77
C PRO D 160 -2.75 30.39 16.02
N ASP D 161 -4.05 30.25 15.75
CA ASP D 161 -4.74 29.00 16.03
C ASP D 161 -4.39 27.89 15.06
N TYR D 162 -3.71 28.21 13.95
CA TYR D 162 -3.31 27.15 13.03
C TYR D 162 -2.22 26.26 13.63
N LEU D 163 -1.43 26.79 14.57
CA LEU D 163 -0.50 25.94 15.29
C LEU D 163 -1.23 24.81 16.00
N ARG D 164 -2.42 25.10 16.54
CA ARG D 164 -3.25 24.06 17.11
C ARG D 164 -4.00 23.25 16.06
N LEU D 165 -4.36 23.88 14.94
CA LEU D 165 -4.98 23.14 13.85
C LEU D 165 -4.05 22.05 13.32
N GLY D 166 -2.74 22.26 13.41
CA GLY D 166 -1.80 21.23 13.01
C GLY D 166 -1.96 19.97 13.84
N ALA D 167 -2.00 20.11 15.17
CA ALA D 167 -2.24 18.96 16.02
C ALA D 167 -3.64 18.40 15.80
N LEU D 168 -4.61 19.26 15.52
CA LEU D 168 -5.95 18.79 15.16
C LEU D 168 -5.87 17.82 13.99
N ARG D 169 -5.14 18.20 12.94
CA ARG D 169 -4.89 17.29 11.84
C ARG D 169 -4.18 16.03 12.33
N SER D 170 -3.27 16.20 13.30
CA SER D 170 -2.57 15.04 13.86
C SER D 170 -3.56 13.99 14.33
N ARG D 171 -4.70 14.40 14.87
CA ARG D 171 -5.75 13.48 15.24
C ARG D 171 -6.52 13.03 14.00
N LEU D 172 -6.95 11.77 14.00
CA LEU D 172 -7.68 11.19 12.87
C LEU D 172 -6.83 11.24 11.60
N GLY D 173 -5.61 10.70 11.71
CA GLY D 173 -4.70 10.70 10.59
C GLY D 173 -5.19 9.91 9.40
N HIS D 174 -6.11 8.96 9.61
CA HIS D 174 -6.63 8.18 8.50
C HIS D 174 -7.36 9.04 7.48
N ALA D 175 -7.90 10.19 7.91
CA ALA D 175 -8.61 11.08 6.99
C ALA D 175 -7.60 11.95 6.25
N PRO D 176 -7.55 11.92 4.93
CA PRO D 176 -6.64 12.81 4.20
C PRO D 176 -6.92 14.27 4.50
N CYS D 177 -6.01 15.12 4.05
CA CYS D 177 -6.07 16.55 4.30
C CYS D 177 -6.02 17.31 2.98
N VAL D 178 -6.61 18.50 2.99
CA VAL D 178 -6.68 19.36 1.82
C VAL D 178 -6.33 20.78 2.24
N ALA D 179 -5.08 21.18 2.04
CA ALA D 179 -4.60 22.50 2.48
C ALA D 179 -4.72 23.48 1.32
N LEU D 180 -5.65 24.43 1.45
CA LEU D 180 -5.92 25.40 0.40
C LEU D 180 -5.34 26.75 0.77
N THR D 181 -4.83 27.46 -0.23
CA THR D 181 -4.29 28.80 -0.03
C THR D 181 -4.62 29.66 -1.25
N ALA D 182 -4.50 30.98 -1.07
CA ALA D 182 -4.73 31.91 -2.17
C ALA D 182 -3.43 32.26 -2.90
N THR D 183 -2.33 32.39 -2.17
CA THR D 183 -1.03 32.66 -2.75
C THR D 183 0.02 31.90 -1.94
N ALA D 184 0.67 30.92 -2.57
CA ALA D 184 1.58 30.01 -1.88
C ALA D 184 3.01 30.36 -2.25
N THR D 185 3.71 31.02 -1.33
CA THR D 185 5.16 31.19 -1.47
C THR D 185 5.84 29.85 -1.14
N PRO D 186 6.87 29.46 -1.89
CA PRO D 186 7.48 28.15 -1.63
C PRO D 186 7.92 27.98 -0.18
N GLN D 187 8.51 29.03 0.40
CA GLN D 187 8.81 28.98 1.83
C GLN D 187 7.53 28.87 2.64
N VAL D 188 6.49 29.62 2.25
CA VAL D 188 5.20 29.51 2.93
C VAL D 188 4.61 28.13 2.71
N GLN D 189 4.79 27.56 1.52
CA GLN D 189 4.28 26.22 1.26
C GLN D 189 4.94 25.20 2.19
N GLU D 190 6.26 25.28 2.32
CA GLU D 190 6.97 24.36 3.22
C GLU D 190 6.54 24.58 4.66
N ASP D 191 6.36 25.85 5.06
CA ASP D 191 5.92 26.13 6.43
C ASP D 191 4.54 25.55 6.68
N VAL D 192 3.63 25.67 5.71
CA VAL D 192 2.30 25.10 5.86
C VAL D 192 2.38 23.59 5.96
N PHE D 193 3.20 22.96 5.12
CA PHE D 193 3.34 21.52 5.17
C PHE D 193 3.85 21.06 6.54
N ALA D 194 4.84 21.76 7.07
CA ALA D 194 5.44 21.34 8.34
C ALA D 194 4.52 21.61 9.52
N ALA D 195 3.89 22.78 9.57
CA ALA D 195 3.09 23.16 10.73
C ALA D 195 1.83 22.30 10.83
N LEU D 196 1.11 22.14 9.73
CA LEU D 196 -0.13 21.39 9.74
C LEU D 196 0.09 19.89 9.90
N HIS D 197 1.34 19.42 9.86
CA HIS D 197 1.67 18.02 10.08
C HIS D 197 1.11 17.12 8.99
N LEU D 198 1.04 17.61 7.75
CA LEU D 198 0.63 16.77 6.65
C LEU D 198 1.65 15.66 6.42
N LYS D 199 1.18 14.55 5.87
CA LYS D 199 2.08 13.45 5.55
C LYS D 199 3.12 13.91 4.54
N LYS D 200 4.31 13.32 4.63
CA LYS D 200 5.41 13.72 3.75
C LYS D 200 5.01 13.72 2.28
N PRO D 201 4.35 12.69 1.74
CA PRO D 201 3.94 12.73 0.33
C PRO D 201 2.64 13.52 0.17
N VAL D 202 2.68 14.53 -0.68
CA VAL D 202 1.52 15.36 -0.97
C VAL D 202 1.55 15.78 -2.43
N ALA D 203 0.38 15.86 -3.04
CA ALA D 203 0.25 16.31 -4.42
C ALA D 203 -0.07 17.80 -4.42
N ILE D 204 0.86 18.60 -4.92
CA ILE D 204 0.71 20.05 -4.93
C ILE D 204 0.11 20.47 -6.26
N PHE D 205 -0.96 21.28 -6.20
CA PHE D 205 -1.64 21.80 -7.38
C PHE D 205 -1.61 23.32 -7.30
N LYS D 206 -0.67 23.94 -8.00
CA LYS D 206 -0.51 25.38 -8.04
C LYS D 206 -0.77 25.88 -9.45
N THR D 207 -1.48 26.99 -9.55
CA THR D 207 -1.75 27.61 -10.86
C THR D 207 -0.49 28.32 -11.34
N PRO D 208 0.05 27.97 -12.50
CA PRO D 208 1.23 28.69 -13.01
C PRO D 208 1.01 30.19 -13.02
N CYS D 209 2.11 30.93 -12.88
CA CYS D 209 2.03 32.39 -12.91
C CYS D 209 1.96 32.93 -14.34
N PHE D 210 2.69 32.30 -15.26
CA PHE D 210 2.78 32.81 -16.62
C PHE D 210 1.43 32.73 -17.32
N ARG D 211 1.15 33.73 -18.15
CA ARG D 211 -0.03 33.74 -19.00
C ARG D 211 0.42 34.12 -20.41
N ALA D 212 0.02 33.31 -21.40
CA ALA D 212 0.47 33.54 -22.77
C ALA D 212 0.08 34.92 -23.26
N ASN D 213 -1.02 35.48 -22.74
CA ASN D 213 -1.49 36.79 -23.17
C ASN D 213 -0.89 37.93 -22.37
N LEU D 214 -0.12 37.64 -21.32
CA LEU D 214 0.50 38.67 -20.49
C LEU D 214 1.98 38.80 -20.82
N PHE D 215 2.46 40.05 -20.77
CA PHE D 215 3.85 40.37 -21.04
C PHE D 215 4.41 41.20 -19.89
N TYR D 216 5.68 40.97 -19.57
CA TYR D 216 6.35 41.65 -18.47
C TYR D 216 7.65 42.27 -18.96
N ASP D 217 7.98 43.44 -18.41
CA ASP D 217 9.23 44.12 -18.74
C ASP D 217 9.34 45.33 -17.83
N VAL D 218 10.58 45.78 -17.62
CA VAL D 218 10.87 46.93 -16.77
C VAL D 218 11.71 47.91 -17.56
N GLN D 219 11.30 49.18 -17.56
CA GLN D 219 12.05 50.26 -18.19
C GLN D 219 12.52 51.22 -17.10
N PHE D 220 13.83 51.42 -17.03
CA PHE D 220 14.40 52.24 -15.97
C PHE D 220 14.23 53.72 -16.29
N LYS D 221 13.88 54.50 -15.26
CA LYS D 221 13.68 55.93 -15.45
C LYS D 221 14.97 56.60 -15.90
N GLU D 222 16.09 56.24 -15.29
CA GLU D 222 17.37 56.81 -15.72
C GLU D 222 17.72 56.37 -17.14
N LEU D 223 17.41 55.12 -17.50
CA LEU D 223 17.70 54.64 -18.84
C LEU D 223 16.89 55.41 -19.88
N ILE D 224 15.59 55.60 -19.62
CA ILE D 224 14.73 56.31 -20.55
C ILE D 224 14.96 57.81 -20.41
N SER D 225 15.06 58.50 -21.55
CA SER D 225 15.28 59.93 -21.53
C SER D 225 14.13 60.66 -20.84
N ASP D 226 12.89 60.26 -21.13
CA ASP D 226 11.72 60.87 -20.50
C ASP D 226 10.72 59.78 -20.15
N PRO D 227 10.55 59.43 -18.87
CA PRO D 227 9.61 58.36 -18.52
C PRO D 227 8.18 58.67 -18.92
N TYR D 228 7.80 59.95 -18.97
CA TYR D 228 6.44 60.29 -19.37
C TYR D 228 6.17 59.90 -20.81
N GLY D 229 7.13 60.17 -21.71
CA GLY D 229 6.97 59.77 -23.09
C GLY D 229 6.90 58.26 -23.24
N ASN D 230 7.72 57.54 -22.49
CA ASN D 230 7.69 56.08 -22.54
C ASN D 230 6.34 55.55 -22.06
N LEU D 231 5.81 56.13 -20.97
CA LEU D 231 4.50 55.72 -20.50
C LEU D 231 3.43 56.01 -21.54
N LYS D 232 3.50 57.17 -22.18
CA LYS D 232 2.54 57.49 -23.23
C LYS D 232 2.62 56.47 -24.37
N ASP D 233 3.84 56.14 -24.79
CA ASP D 233 4.00 55.18 -25.87
C ASP D 233 3.47 53.80 -25.49
N PHE D 234 3.75 53.37 -24.26
CA PHE D 234 3.24 52.07 -23.82
C PHE D 234 1.73 52.06 -23.78
N CYS D 235 1.12 53.15 -23.27
CA CYS D 235 -0.33 53.23 -23.22
C CYS D 235 -0.91 53.16 -24.62
N LEU D 236 -0.35 53.93 -25.55
CA LEU D 236 -0.87 53.93 -26.92
C LEU D 236 -0.72 52.57 -27.58
N LYS D 237 0.42 51.90 -27.37
CA LYS D 237 0.65 50.61 -28.00
C LYS D 237 -0.28 49.54 -27.42
N ALA D 238 -0.45 49.53 -26.10
CA ALA D 238 -1.29 48.51 -25.46
C ALA D 238 -2.78 48.80 -25.62
N LEU D 239 -3.16 50.04 -25.94
CA LEU D 239 -4.57 50.35 -26.13
C LEU D 239 -5.12 49.76 -27.43
N GLY D 240 -4.28 49.61 -28.44
CA GLY D 240 -4.71 49.01 -29.70
C GLY D 240 -3.72 47.99 -30.23
N GLN D 241 -4.16 46.74 -30.37
CA GLN D 241 -3.28 45.71 -30.92
C GLN D 241 -2.99 45.95 -32.40
N GLU D 242 -3.97 46.47 -33.14
CA GLU D 242 -3.80 46.77 -34.56
C GLU D 242 -4.35 48.15 -34.85
N ALA D 243 -3.81 48.78 -35.90
CA ALA D 243 -4.28 50.11 -36.26
C ALA D 243 -5.77 50.10 -36.61
N ASP D 244 -6.22 49.04 -37.27
CA ASP D 244 -7.64 48.95 -37.61
C ASP D 244 -8.51 48.84 -36.36
N LYS D 245 -8.02 48.14 -35.33
CA LYS D 245 -8.81 47.99 -34.11
C LYS D 245 -9.04 49.34 -33.43
N GLY D 246 -8.02 50.19 -33.39
CA GLY D 246 -8.13 51.47 -32.75
C GLY D 246 -7.99 51.39 -31.25
N LEU D 247 -8.34 52.48 -30.58
CA LEU D 247 -8.27 52.54 -29.12
C LEU D 247 -9.27 51.57 -28.52
N SER D 248 -8.79 50.70 -27.63
CA SER D 248 -9.63 49.71 -26.99
C SER D 248 -9.03 49.35 -25.64
N GLY D 249 -9.78 48.57 -24.87
CA GLY D 249 -9.32 48.15 -23.57
C GLY D 249 -9.31 49.30 -22.56
N CYS D 250 -8.56 49.10 -21.49
CA CYS D 250 -8.44 50.07 -20.42
C CYS D 250 -7.02 50.07 -19.89
N GLY D 251 -6.65 51.16 -19.20
CA GLY D 251 -5.33 51.30 -18.64
C GLY D 251 -5.39 51.62 -17.17
N ILE D 252 -4.27 51.35 -16.49
CA ILE D 252 -4.16 51.57 -15.06
C ILE D 252 -2.73 51.99 -14.73
N VAL D 253 -2.60 52.95 -13.84
CA VAL D 253 -1.31 53.44 -13.36
C VAL D 253 -1.33 53.43 -11.84
N TYR D 254 -0.30 52.85 -11.23
CA TYR D 254 -0.22 52.70 -9.79
C TYR D 254 0.90 53.56 -9.22
N CYS D 255 0.70 54.05 -8.01
CA CYS D 255 1.76 54.76 -7.29
C CYS D 255 1.48 54.64 -5.80
N ARG D 256 2.48 55.01 -4.99
CA ARG D 256 2.35 54.91 -3.55
C ARG D 256 1.60 56.13 -2.98
N THR D 257 2.10 57.33 -3.25
CA THR D 257 1.53 58.54 -2.69
C THR D 257 0.36 59.03 -3.54
N ARG D 258 -0.79 59.27 -2.91
CA ARG D 258 -1.95 59.76 -3.63
C ARG D 258 -1.64 61.06 -4.35
N GLU D 259 -0.89 61.95 -3.70
CA GLU D 259 -0.47 63.19 -4.37
C GLU D 259 0.38 62.87 -5.59
N ALA D 260 1.24 61.86 -5.49
CA ALA D 260 2.04 61.46 -6.66
C ALA D 260 1.15 60.99 -7.79
N CYS D 261 0.10 60.22 -7.48
CA CYS D 261 -0.80 59.77 -8.53
C CYS D 261 -1.57 60.93 -9.15
N GLU D 262 -1.98 61.91 -8.34
CA GLU D 262 -2.63 63.08 -8.90
C GLU D 262 -1.69 63.86 -9.81
N GLN D 263 -0.42 63.99 -9.40
CA GLN D 263 0.57 64.62 -10.26
C GLN D 263 0.71 63.87 -11.57
N LEU D 264 0.76 62.53 -11.49
CA LEU D 264 0.86 61.73 -12.71
C LEU D 264 -0.35 61.92 -13.61
N ALA D 265 -1.55 61.97 -13.02
CA ALA D 265 -2.75 62.15 -13.82
C ALA D 265 -2.76 63.51 -14.52
N ILE D 266 -2.35 64.56 -13.81
CA ILE D 266 -2.29 65.87 -14.47
C ILE D 266 -1.22 65.86 -15.56
N GLU D 267 -0.11 65.15 -15.35
CA GLU D 267 0.90 65.05 -16.40
C GLU D 267 0.37 64.32 -17.63
N LEU D 268 -0.37 63.23 -17.43
CA LEU D 268 -1.00 62.56 -18.57
C LEU D 268 -1.99 63.48 -19.27
N SER D 269 -2.77 64.25 -18.51
CA SER D 269 -3.67 65.22 -19.13
C SER D 269 -2.89 66.22 -19.98
N CYS D 270 -1.74 66.67 -19.46
CA CYS D 270 -0.88 67.57 -20.24
C CYS D 270 -0.41 66.90 -21.52
N ARG D 271 -0.05 65.61 -21.44
CA ARG D 271 0.40 64.90 -22.63
C ARG D 271 -0.71 64.86 -23.69
N GLY D 272 -1.94 64.60 -23.28
CA GLY D 272 -3.07 64.57 -24.19
C GLY D 272 -3.98 63.39 -23.98
N VAL D 273 -3.53 62.41 -23.20
CA VAL D 273 -4.31 61.21 -22.92
C VAL D 273 -5.19 61.46 -21.71
N ASN D 274 -6.49 61.17 -21.83
CA ASN D 274 -7.40 61.33 -20.72
C ASN D 274 -7.04 60.37 -19.60
N ALA D 275 -7.03 60.88 -18.38
CA ALA D 275 -6.67 60.06 -17.22
C ALA D 275 -7.44 60.56 -16.00
N LYS D 276 -7.57 59.69 -15.01
CA LYS D 276 -8.25 59.99 -13.76
C LYS D 276 -7.31 59.70 -12.61
N ALA D 277 -7.18 60.67 -11.69
CA ALA D 277 -6.28 60.50 -10.56
C ALA D 277 -6.67 59.28 -9.73
N TYR D 278 -7.94 59.21 -9.33
CA TYR D 278 -8.46 58.09 -8.54
C TYR D 278 -7.56 57.82 -7.33
N HIS D 279 -7.17 58.88 -6.64
CA HIS D 279 -6.25 58.80 -5.52
C HIS D 279 -6.97 59.12 -4.23
N ALA D 280 -6.27 58.86 -3.11
CA ALA D 280 -6.87 59.05 -1.80
C ALA D 280 -7.37 60.48 -1.62
N GLY D 281 -6.63 61.46 -2.13
CA GLY D 281 -7.07 62.83 -2.04
C GLY D 281 -8.39 63.09 -2.74
N LEU D 282 -8.69 62.30 -3.77
CA LEU D 282 -9.94 62.46 -4.50
C LEU D 282 -11.11 61.97 -3.64
N LYS D 283 -12.19 62.75 -3.63
CA LYS D 283 -13.34 62.40 -2.81
C LYS D 283 -13.95 61.08 -3.29
N ALA D 284 -14.73 60.47 -2.39
CA ALA D 284 -15.25 59.13 -2.66
C ALA D 284 -16.14 59.12 -3.90
N SER D 285 -17.05 60.08 -4.01
CA SER D 285 -17.92 60.14 -5.19
C SER D 285 -17.08 60.35 -6.45
N GLU D 286 -16.11 61.25 -6.39
CA GLU D 286 -15.20 61.43 -7.52
C GLU D 286 -14.40 60.17 -7.78
N ARG D 287 -14.06 59.41 -6.73
CA ARG D 287 -13.33 58.16 -6.93
C ARG D 287 -14.17 57.18 -7.74
N THR D 288 -15.44 57.00 -7.37
CA THR D 288 -16.31 56.12 -8.15
C THR D 288 -16.48 56.63 -9.57
N LEU D 289 -16.65 57.95 -9.73
CA LEU D 289 -16.81 58.51 -11.07
C LEU D 289 -15.59 58.23 -11.92
N VAL D 290 -14.40 58.41 -11.36
CA VAL D 290 -13.16 58.14 -12.10
C VAL D 290 -13.06 56.66 -12.45
N GLN D 291 -13.40 55.78 -11.51
CA GLN D 291 -13.35 54.35 -11.79
C GLN D 291 -14.28 54.00 -12.94
N ASN D 292 -15.51 54.52 -12.90
CA ASN D 292 -16.46 54.27 -13.98
C ASN D 292 -15.89 54.78 -15.30
N ASP D 293 -15.49 56.05 -15.35
CA ASP D 293 -14.93 56.63 -16.56
C ASP D 293 -13.82 55.76 -17.12
N TRP D 294 -13.00 55.20 -16.22
CA TRP D 294 -11.97 54.26 -16.65
C TRP D 294 -12.57 53.00 -17.25
N MET D 295 -13.69 52.53 -16.69
CA MET D 295 -14.28 51.29 -17.20
C MET D 295 -14.79 51.46 -18.63
N GLU D 296 -15.37 52.61 -18.95
CA GLU D 296 -15.71 52.92 -20.33
C GLU D 296 -14.43 53.20 -21.13
N GLU D 297 -14.62 53.41 -22.44
CA GLU D 297 -13.53 53.77 -23.35
C GLU D 297 -13.24 55.26 -23.34
N LYS D 298 -14.05 56.07 -22.65
CA LYS D 298 -13.80 57.50 -22.61
C LYS D 298 -12.43 57.81 -21.99
N VAL D 299 -11.96 56.96 -21.09
CA VAL D 299 -10.66 57.14 -20.45
C VAL D 299 -9.75 56.00 -20.89
N PRO D 300 -8.86 56.23 -21.87
CA PRO D 300 -7.99 55.12 -22.30
C PRO D 300 -7.12 54.56 -21.18
N VAL D 301 -6.57 55.43 -20.34
CA VAL D 301 -5.70 55.03 -19.23
C VAL D 301 -5.90 56.01 -18.10
N ILE D 302 -6.31 55.52 -16.94
CA ILE D 302 -6.54 56.35 -15.77
C ILE D 302 -5.64 55.84 -14.64
N VAL D 303 -5.34 56.74 -13.71
CA VAL D 303 -4.48 56.41 -12.59
C VAL D 303 -5.33 55.78 -11.49
N ALA D 304 -4.94 54.57 -11.07
CA ALA D 304 -5.71 53.82 -10.09
C ALA D 304 -5.27 54.09 -8.66
N THR D 305 -3.97 54.28 -8.43
CA THR D 305 -3.42 54.60 -7.11
C THR D 305 -3.65 53.35 -6.24
N ILE D 306 -4.26 53.52 -5.06
CA ILE D 306 -4.40 52.41 -4.13
C ILE D 306 -5.49 51.45 -4.60
N SER D 307 -6.71 51.95 -4.76
CA SER D 307 -7.82 51.12 -5.14
C SER D 307 -7.61 50.59 -6.56
N PHE D 308 -8.38 49.56 -6.90
CA PHE D 308 -8.30 48.96 -8.22
C PHE D 308 -8.49 50.00 -9.31
N LYS D 314 -12.24 45.57 -13.79
CA LYS D 314 -12.79 45.66 -15.13
C LYS D 314 -12.76 44.30 -15.81
N ALA D 315 -13.69 44.09 -16.75
CA ALA D 315 -13.75 42.82 -17.47
C ALA D 315 -12.58 42.63 -18.42
N ASN D 316 -11.96 43.73 -18.87
CA ASN D 316 -10.85 43.62 -19.81
C ASN D 316 -10.02 44.90 -19.71
N VAL D 317 -8.79 44.77 -19.22
CA VAL D 317 -7.86 45.89 -19.11
C VAL D 317 -6.67 45.62 -20.02
N ARG D 318 -6.29 46.61 -20.82
CA ARG D 318 -5.23 46.42 -21.81
C ARG D 318 -3.88 46.21 -21.16
N PHE D 319 -3.59 46.94 -20.08
CA PHE D 319 -2.26 46.91 -19.48
C PHE D 319 -2.36 47.40 -18.04
N VAL D 320 -1.25 47.27 -17.31
CA VAL D 320 -1.16 47.77 -15.94
C VAL D 320 0.20 48.42 -15.76
N ALA D 321 0.25 49.75 -15.82
CA ALA D 321 1.49 50.48 -15.63
C ALA D 321 1.76 50.68 -14.15
N HIS D 322 3.05 50.62 -13.78
CA HIS D 322 3.49 50.76 -12.40
C HIS D 322 4.48 51.93 -12.33
N TRP D 323 3.95 53.13 -12.12
CA TRP D 323 4.81 54.30 -11.97
C TRP D 323 5.76 54.12 -10.79
N ASN D 324 5.23 53.74 -9.63
CA ASN D 324 6.02 53.44 -8.46
C ASN D 324 5.97 51.93 -8.22
N ILE D 325 7.14 51.31 -8.13
CA ILE D 325 7.20 49.86 -7.96
C ILE D 325 6.47 49.47 -6.69
N ALA D 326 5.70 48.38 -6.77
CA ALA D 326 4.95 47.92 -5.62
C ALA D 326 5.87 47.56 -4.47
N LYS D 327 5.46 47.91 -3.26
CA LYS D 327 6.27 47.59 -2.09
C LYS D 327 6.40 46.09 -1.89
N SER D 328 5.37 45.32 -2.27
CA SER D 328 5.37 43.88 -2.14
C SER D 328 5.32 43.25 -3.52
N MET D 329 6.21 42.29 -3.78
CA MET D 329 6.22 41.62 -5.08
C MET D 329 4.89 40.92 -5.33
N ALA D 330 4.30 40.32 -4.29
CA ALA D 330 2.97 39.76 -4.44
C ALA D 330 1.98 40.85 -4.82
N GLY D 331 2.14 42.05 -4.26
CA GLY D 331 1.30 43.17 -4.68
C GLY D 331 1.48 43.50 -6.14
N TYR D 332 2.74 43.46 -6.62
CA TYR D 332 2.98 43.71 -8.04
C TYR D 332 2.29 42.66 -8.90
N TYR D 333 2.37 41.39 -8.49
CA TYR D 333 1.71 40.34 -9.25
C TYR D 333 0.20 40.55 -9.27
N GLN D 334 -0.38 40.92 -8.12
CA GLN D 334 -1.81 41.15 -8.06
C GLN D 334 -2.21 42.32 -8.96
N GLU D 335 -1.43 43.39 -8.96
CA GLU D 335 -1.72 44.52 -9.83
C GLU D 335 -1.62 44.12 -11.30
N SER D 336 -0.61 43.31 -11.65
CA SER D 336 -0.47 42.83 -13.01
C SER D 336 -1.66 41.96 -13.42
N GLY D 337 -2.14 41.13 -12.50
CA GLY D 337 -3.28 40.28 -12.82
C GLY D 337 -4.51 41.08 -13.19
N ARG D 338 -4.67 42.27 -12.61
CA ARG D 338 -5.77 43.15 -13.01
C ARG D 338 -5.73 43.41 -14.50
N ALA D 339 -4.54 43.51 -15.08
CA ALA D 339 -4.39 43.65 -16.52
C ALA D 339 -4.37 42.29 -17.19
N GLY D 340 -4.88 42.23 -18.41
CA GLY D 340 -4.92 40.99 -19.15
C GLY D 340 -5.88 39.96 -18.61
N ARG D 341 -6.80 40.36 -17.73
CA ARG D 341 -7.78 39.40 -17.23
C ARG D 341 -8.61 38.81 -18.36
N ASP D 342 -8.82 39.57 -19.44
CA ASP D 342 -9.56 39.09 -20.58
C ASP D 342 -8.67 38.18 -21.45
N GLY D 343 -9.27 37.61 -22.49
CA GLY D 343 -8.54 36.70 -23.36
C GLY D 343 -7.59 37.39 -24.31
N LYS D 344 -7.83 38.66 -24.61
CA LYS D 344 -6.97 39.37 -25.53
C LYS D 344 -5.59 39.63 -24.91
N PRO D 345 -4.56 39.81 -25.72
CA PRO D 345 -3.22 40.02 -25.18
C PRO D 345 -3.11 41.32 -24.40
N SER D 346 -2.23 41.30 -23.39
CA SER D 346 -2.01 42.45 -22.54
C SER D 346 -0.52 42.54 -22.21
N TRP D 347 -0.09 43.74 -21.82
CA TRP D 347 1.30 44.01 -21.50
C TRP D 347 1.38 44.70 -20.14
N CYS D 348 2.51 44.50 -19.46
CA CYS D 348 2.74 45.08 -18.15
C CYS D 348 4.13 45.69 -18.11
N ARG D 349 4.22 46.90 -17.56
CA ARG D 349 5.48 47.62 -17.44
C ARG D 349 5.63 48.15 -16.02
N LEU D 350 6.86 48.16 -15.54
CA LEU D 350 7.19 48.66 -14.21
C LEU D 350 8.23 49.77 -14.33
N TYR D 351 8.11 50.79 -13.49
CA TYR D 351 9.00 51.94 -13.51
C TYR D 351 9.91 51.85 -12.28
N TYR D 352 11.06 51.23 -12.45
CA TYR D 352 12.05 51.06 -11.39
C TYR D 352 13.27 51.92 -11.69
N SER D 353 13.67 52.73 -10.72
CA SER D 353 14.83 53.61 -10.86
C SER D 353 15.56 53.69 -9.52
N ARG D 354 16.78 54.23 -9.57
CA ARG D 354 17.57 54.35 -8.35
C ARG D 354 16.85 55.21 -7.32
N ASN D 355 16.34 56.37 -7.73
CA ASN D 355 15.58 57.22 -6.82
C ASN D 355 14.30 56.51 -6.37
N ASP D 356 13.59 55.90 -7.31
CA ASP D 356 12.40 55.14 -6.95
C ASP D 356 12.74 53.96 -6.06
N ARG D 357 13.86 53.29 -6.35
CA ARG D 357 14.28 52.17 -5.51
C ARG D 357 14.54 52.63 -4.08
N ASP D 358 15.23 53.77 -3.92
CA ASP D 358 15.48 54.30 -2.59
C ASP D 358 14.19 54.70 -1.90
N GLN D 359 13.26 55.30 -2.64
CA GLN D 359 11.99 55.71 -2.04
C GLN D 359 11.21 54.51 -1.53
N VAL D 360 11.11 53.46 -2.35
CA VAL D 360 10.38 52.27 -1.93
C VAL D 360 11.10 51.57 -0.79
N SER D 361 12.44 51.58 -0.80
CA SER D 361 13.18 50.99 0.32
C SER D 361 12.89 51.73 1.62
N PHE D 362 12.85 53.07 1.57
CA PHE D 362 12.53 53.83 2.77
C PHE D 362 11.11 53.55 3.22
N LEU D 363 10.16 53.46 2.28
CA LEU D 363 8.78 53.16 2.64
C LEU D 363 8.69 51.79 3.30
N ILE D 364 9.38 50.79 2.75
CA ILE D 364 9.35 49.45 3.31
C ILE D 364 9.98 49.45 4.70
N ARG D 365 11.07 50.20 4.88
CA ARG D 365 11.69 50.29 6.20
C ARG D 365 10.74 50.91 7.21
N LYS D 366 10.04 51.97 6.82
CA LYS D 366 9.07 52.59 7.71
C LYS D 366 7.94 51.62 8.06
N GLU D 367 7.45 50.88 7.06
CA GLU D 367 6.40 49.90 7.33
C GLU D 367 6.88 48.82 8.28
N VAL D 368 8.11 48.34 8.09
CA VAL D 368 8.66 47.31 8.97
C VAL D 368 8.81 47.84 10.39
N ALA D 369 9.27 49.08 10.52
CA ALA D 369 9.40 49.68 11.86
C ALA D 369 8.03 49.80 12.53
N LYS D 370 7.02 50.23 11.78
CA LYS D 370 5.68 50.35 12.34
C LYS D 370 5.16 48.97 12.77
N LEU D 371 5.38 47.95 11.95
CA LEU D 371 4.94 46.61 12.31
C LEU D 371 5.66 46.11 13.56
N GLN D 372 6.97 46.33 13.65
CA GLN D 372 7.72 45.90 14.82
C GLN D 372 7.30 46.65 16.08
N GLU D 373 6.89 47.91 15.93
CA GLU D 373 6.45 48.67 17.09
C GLU D 373 5.24 48.01 17.76
N LYS D 374 4.44 47.27 17.01
CA LYS D 374 3.28 46.59 17.56
C LYS D 374 3.68 45.22 18.12
N LYS D 378 7.94 39.70 13.68
CA LYS D 378 9.28 39.56 13.15
C LYS D 378 9.28 38.77 11.85
N ALA D 379 8.71 37.55 11.91
CA ALA D 379 8.65 36.72 10.71
C ALA D 379 7.77 37.34 9.64
N SER D 380 6.67 37.99 10.03
CA SER D 380 5.82 38.67 9.05
C SER D 380 6.54 39.85 8.43
N ASP D 381 7.17 40.69 9.25
CA ASP D 381 7.95 41.80 8.72
C ASP D 381 9.12 41.29 7.89
N LYS D 382 9.75 40.19 8.32
CA LYS D 382 10.82 39.60 7.54
C LYS D 382 10.32 39.16 6.17
N ALA D 383 9.14 38.56 6.12
CA ALA D 383 8.57 38.15 4.84
C ALA D 383 8.25 39.36 3.97
N THR D 384 7.73 40.43 4.57
CA THR D 384 7.45 41.63 3.78
C THR D 384 8.73 42.20 3.20
N ILE D 385 9.79 42.28 3.99
CA ILE D 385 11.05 42.80 3.49
C ILE D 385 11.62 41.89 2.42
N MET D 386 11.47 40.57 2.60
CA MET D 386 11.94 39.64 1.59
C MET D 386 11.18 39.82 0.28
N ALA D 387 9.87 40.04 0.36
CA ALA D 387 9.09 40.31 -0.85
C ALA D 387 9.54 41.59 -1.52
N PHE D 388 9.81 42.63 -0.73
CA PHE D 388 10.29 43.89 -1.31
C PHE D 388 11.62 43.68 -2.02
N ASP D 389 12.54 42.96 -1.38
CA ASP D 389 13.83 42.70 -2.00
C ASP D 389 13.68 41.86 -3.27
N ALA D 390 12.79 40.87 -3.23
CA ALA D 390 12.55 40.05 -4.42
C ALA D 390 11.99 40.88 -5.56
N LEU D 391 11.08 41.80 -5.26
CA LEU D 391 10.57 42.70 -6.29
C LEU D 391 11.68 43.59 -6.84
N VAL D 392 12.55 44.10 -5.97
CA VAL D 392 13.66 44.93 -6.44
C VAL D 392 14.55 44.12 -7.37
N THR D 393 14.87 42.89 -6.99
CA THR D 393 15.70 42.04 -7.85
C THR D 393 15.01 41.75 -9.17
N PHE D 394 13.71 41.47 -9.12
CA PHE D 394 12.95 41.24 -10.35
C PHE D 394 13.03 42.45 -11.26
N CYS D 395 12.99 43.65 -10.69
CA CYS D 395 13.18 44.85 -11.48
C CYS D 395 14.61 44.98 -11.98
N GLU D 396 15.57 44.36 -11.28
CA GLU D 396 16.98 44.42 -11.67
C GLU D 396 17.53 43.06 -12.05
N GLU D 397 16.69 42.05 -12.25
CA GLU D 397 17.17 40.72 -12.60
C GLU D 397 17.59 40.67 -14.07
N LEU D 398 18.43 39.69 -14.38
CA LEU D 398 18.92 39.44 -15.74
C LEU D 398 18.39 38.07 -16.18
N GLY D 399 17.20 38.07 -16.77
CA GLY D 399 16.62 36.82 -17.24
C GLY D 399 15.15 37.01 -17.58
N CYS D 400 14.45 35.89 -17.69
CA CYS D 400 13.02 35.93 -17.94
C CYS D 400 12.30 36.54 -16.76
N ARG D 401 11.30 37.40 -17.05
CA ARG D 401 10.52 38.01 -15.99
C ARG D 401 9.48 37.03 -15.44
N HIS D 402 8.79 36.32 -16.33
CA HIS D 402 7.82 35.32 -15.89
C HIS D 402 8.50 34.25 -15.05
N ALA D 403 9.71 33.84 -15.44
CA ALA D 403 10.43 32.85 -14.65
C ALA D 403 10.73 33.38 -13.26
N ALA D 404 11.12 34.64 -13.15
CA ALA D 404 11.37 35.23 -11.83
C ALA D 404 10.11 35.28 -11.00
N ILE D 405 8.98 35.66 -11.61
CA ILE D 405 7.71 35.69 -10.90
C ILE D 405 7.37 34.29 -10.39
N ALA D 406 7.54 33.29 -11.24
CA ALA D 406 7.25 31.92 -10.84
C ALA D 406 8.15 31.48 -9.70
N LYS D 407 9.44 31.83 -9.77
CA LYS D 407 10.36 31.47 -8.70
C LYS D 407 9.94 32.11 -7.38
N TYR D 408 9.49 33.38 -7.44
CA TYR D 408 9.00 34.02 -6.23
C TYR D 408 7.77 33.30 -5.68
N PHE D 409 6.85 32.92 -6.57
CA PHE D 409 5.72 32.08 -6.16
C PHE D 409 6.07 30.60 -6.16
N GLY D 410 7.29 30.23 -6.53
CA GLY D 410 7.73 28.86 -6.38
C GLY D 410 6.94 27.84 -7.16
N ASP D 411 6.60 28.15 -8.41
CA ASP D 411 5.98 27.20 -9.30
C ASP D 411 6.89 26.95 -10.50
N ALA D 412 6.48 26.01 -11.35
CA ALA D 412 7.32 25.60 -12.47
C ALA D 412 7.65 26.79 -13.36
N LEU D 413 8.89 26.86 -13.81
CA LEU D 413 9.32 27.94 -14.67
C LEU D 413 8.57 27.88 -16.00
N PRO D 414 8.34 29.02 -16.64
CA PRO D 414 7.54 29.03 -17.87
C PRO D 414 8.32 28.59 -19.08
N ALA D 415 7.58 28.19 -20.12
CA ALA D 415 8.11 27.88 -21.44
C ALA D 415 7.90 29.03 -22.40
N CYS D 416 8.15 30.26 -21.94
CA CYS D 416 7.77 31.46 -22.68
C CYS D 416 8.62 31.64 -23.93
N ALA D 417 8.24 30.96 -25.02
CA ALA D 417 8.91 31.18 -26.29
C ALA D 417 8.57 32.55 -26.86
N LYS D 418 7.35 33.04 -26.62
CA LYS D 418 6.92 34.35 -27.06
C LYS D 418 6.19 35.04 -25.91
N GLY D 419 6.23 36.36 -25.91
CA GLY D 419 5.59 37.14 -24.86
C GLY D 419 6.44 37.39 -23.63
N CYS D 420 7.73 37.08 -23.68
CA CYS D 420 8.65 37.36 -22.59
C CYS D 420 9.66 38.40 -23.04
N ASP D 421 9.88 39.41 -22.20
CA ASP D 421 10.78 40.50 -22.58
C ASP D 421 12.20 39.99 -22.83
N HIS D 422 12.68 39.10 -21.96
CA HIS D 422 14.04 38.59 -22.12
C HIS D 422 14.16 37.69 -23.35
N CYS D 423 13.17 36.83 -23.58
CA CYS D 423 13.24 35.91 -24.71
C CYS D 423 13.24 36.65 -26.04
N GLN D 424 12.38 37.67 -26.17
CA GLN D 424 12.26 38.36 -27.45
C GLN D 424 13.58 39.00 -27.86
N ASN D 425 14.17 39.79 -26.96
CA ASN D 425 15.43 40.49 -27.25
C ASN D 425 16.33 40.39 -26.03
N PRO D 426 16.94 39.23 -25.80
CA PRO D 426 17.88 39.12 -24.68
C PRO D 426 19.04 40.09 -24.78
N THR D 427 19.53 40.36 -26.00
CA THR D 427 20.62 41.32 -26.16
C THR D 427 20.18 42.70 -25.72
N ALA D 428 18.94 43.08 -26.02
CA ALA D 428 18.44 44.37 -25.56
C ALA D 428 18.40 44.44 -24.04
N VAL D 429 17.98 43.35 -23.39
CA VAL D 429 17.97 43.32 -21.93
C VAL D 429 19.38 43.46 -21.38
N ARG D 430 20.33 42.77 -21.99
CA ARG D 430 21.72 42.86 -21.55
C ARG D 430 22.24 44.28 -21.70
N ARG D 431 21.95 44.93 -22.83
CA ARG D 431 22.39 46.30 -23.04
C ARG D 431 21.76 47.24 -22.03
N ARG D 432 20.47 47.05 -21.74
CA ARG D 432 19.80 47.89 -20.76
C ARG D 432 20.42 47.72 -19.38
N LEU D 433 20.71 46.47 -19.00
CA LEU D 433 21.34 46.22 -17.70
C LEU D 433 22.73 46.84 -17.64
N GLU D 434 23.50 46.73 -18.72
CA GLU D 434 24.82 47.35 -18.75
C GLU D 434 24.73 48.87 -18.62
N ALA D 435 23.76 49.47 -19.30
CA ALA D 435 23.56 50.92 -19.18
C ALA D 435 23.18 51.30 -17.76
N LEU D 436 22.30 50.52 -17.14
CA LEU D 436 21.92 50.80 -15.75
C LEU D 436 23.13 50.70 -14.83
N GLU D 437 23.95 49.67 -15.02
CA GLU D 437 25.14 49.51 -14.19
C GLU D 437 26.10 50.68 -14.38
N ARG D 438 26.28 51.12 -15.62
CA ARG D 438 27.15 52.27 -15.88
C ARG D 438 26.60 53.52 -15.21
N SER D 439 25.28 53.73 -15.28
CA SER D 439 24.68 54.90 -14.65
C SER D 439 24.75 54.78 -13.13
N SER D 440 24.50 53.60 -12.58
CA SER D 440 24.52 53.40 -11.15
C SER D 440 25.93 52.99 -10.69
ZN ZN E . 6.15 -35.49 20.33
ZN ZN F . 11.33 34.17 -21.19
#